data_2P0W
#
_entry.id   2P0W
#
_cell.length_a   116.557
_cell.length_b   155.425
_cell.length_c   53.617
_cell.angle_alpha   90.00
_cell.angle_beta   90.00
_cell.angle_gamma   90.00
#
_symmetry.space_group_name_H-M   'P 21 21 2'
#
loop_
_entity.id
_entity.type
_entity.pdbx_description
1 polymer 'Histone acetyltransferase type B catalytic subunit'
2 polymer 'Histone peptide H4'
3 non-polymer 'ACETATE ION'
4 non-polymer 'CHLORIDE ION'
5 non-polymer 'ACETYL COENZYME *A'
6 non-polymer ACETAMIDE
7 water water
#
loop_
_entity_poly.entity_id
_entity_poly.type
_entity_poly.pdbx_seq_one_letter_code
_entity_poly.pdbx_strand_id
1 'polypeptide(L)'
;GSKKLAEYKCNTNTAIELKLVRFPEDLENDIRTFFPEYTHQLFGDDETAFGYKGLKILLYYIAGSLSTMFRVEYASKVDE
NFDCVEADDVEGKIRQIIPPGFCTNTNDFLSLLEKEVDFKPFGTLLHTYSVLSPTGGENFTFQIYKADMTCRGFREYHER
LQTFLMWFIETASFIDVDDERWHYFLVFEKYNKDGATLFATVGYMTVYNYYVYPDKTRPRVSQMLILTPFQGQGHGAQLL
ETVHRYYTEFPTVLDITAEDPSKSYVKLRDFVLVKLCQDLPCFSREKLMQGFNEDMAIEAQQKFKINKQHARRVYEILRL
LVTD
;
A,B
2 'polypeptide(L)' KGGKGLGKGGAKRHR P,Q
#
loop_
_chem_comp.id
_chem_comp.type
_chem_comp.name
_chem_comp.formula
ACM non-polymer ACETAMIDE 'C2 H5 N O'
ACO non-polymer 'ACETYL COENZYME *A' 'C23 H38 N7 O17 P3 S'
ACT non-polymer 'ACETATE ION' 'C2 H3 O2 -1'
CL non-polymer 'CHLORIDE ION' 'Cl -1'
#
# COMPACT_ATOMS: atom_id res chain seq x y z
N ALA A 6 -37.87 19.50 3.48
CA ALA A 6 -37.00 18.32 3.73
C ALA A 6 -35.83 18.33 2.75
N GLU A 7 -36.11 18.76 1.52
CA GLU A 7 -35.09 19.08 0.53
C GLU A 7 -34.25 20.30 1.00
N TYR A 8 -34.63 20.85 2.17
CA TYR A 8 -33.96 22.04 2.75
C TYR A 8 -33.10 21.73 4.02
N LYS A 9 -32.81 20.45 4.22
CA LYS A 9 -31.80 19.98 5.17
C LYS A 9 -30.65 19.43 4.34
N CYS A 10 -29.43 19.81 4.68
N CYS A 10 -29.42 19.80 4.68
CA CYS A 10 -28.26 19.43 3.89
CA CYS A 10 -28.27 19.44 3.86
C CYS A 10 -27.12 18.88 4.75
C CYS A 10 -27.10 18.93 4.70
N ASN A 11 -26.50 17.81 4.28
CA ASN A 11 -25.28 17.27 4.90
C ASN A 11 -24.09 18.20 4.61
N THR A 12 -23.53 18.78 5.68
CA THR A 12 -22.44 19.71 5.50
C THR A 12 -21.09 19.05 5.13
N ASN A 13 -20.93 17.76 5.41
CA ASN A 13 -19.72 17.03 4.98
C ASN A 13 -19.59 16.93 3.46
N THR A 14 -20.72 16.95 2.76
CA THR A 14 -20.70 16.90 1.30
C THR A 14 -21.01 18.26 0.69
N ALA A 15 -21.63 19.15 1.46
CA ALA A 15 -21.91 20.53 1.01
C ALA A 15 -20.66 21.43 0.94
N ILE A 16 -19.70 21.18 1.83
CA ILE A 16 -18.46 21.97 1.89
C ILE A 16 -17.49 21.41 0.84
N GLU A 17 -17.18 22.25 -0.14
CA GLU A 17 -16.30 21.91 -1.28
C GLU A 17 -14.96 22.65 -1.11
N LEU A 18 -13.90 21.87 -0.97
CA LEU A 18 -12.57 22.41 -0.73
C LEU A 18 -11.76 22.19 -1.99
N LYS A 19 -10.99 23.21 -2.39
CA LYS A 19 -9.99 23.06 -3.49
C LYS A 19 -8.65 23.71 -3.11
N LEU A 20 -7.57 23.08 -3.60
CA LEU A 20 -6.23 23.69 -3.66
C LEU A 20 -5.89 24.00 -5.11
N VAL A 21 -5.65 25.27 -5.40
CA VAL A 21 -5.64 25.74 -6.80
C VAL A 21 -4.25 26.22 -7.19
N ARG A 22 -3.69 25.58 -8.22
CA ARG A 22 -2.43 26.02 -8.88
C ARG A 22 -2.68 26.71 -10.22
N PHE A 23 -3.65 26.21 -10.97
CA PHE A 23 -3.95 26.68 -12.35
C PHE A 23 -5.39 27.12 -12.45
N PRO A 24 -5.67 28.14 -13.30
CA PRO A 24 -7.09 28.56 -13.41
C PRO A 24 -8.08 27.40 -13.65
N GLU A 25 -7.69 26.40 -14.43
CA GLU A 25 -8.60 25.28 -14.76
C GLU A 25 -8.96 24.37 -13.57
N ASP A 26 -8.20 24.44 -12.49
CA ASP A 26 -8.51 23.67 -11.27
C ASP A 26 -9.88 24.07 -10.70
N LEU A 27 -10.31 25.29 -11.00
CA LEU A 27 -11.62 25.79 -10.57
C LEU A 27 -12.79 25.01 -11.16
N GLU A 28 -12.61 24.43 -12.35
CA GLU A 28 -13.69 23.69 -12.99
C GLU A 28 -13.46 22.19 -13.08
N ASN A 29 -12.35 21.74 -12.52
CA ASN A 29 -11.98 20.33 -12.44
C ASN A 29 -12.48 19.70 -11.13
N ASP A 30 -13.50 18.84 -11.21
CA ASP A 30 -14.10 18.19 -10.03
C ASP A 30 -13.13 17.26 -9.29
N ILE A 31 -12.15 16.71 -10.02
CA ILE A 31 -11.07 15.96 -9.40
C ILE A 31 -10.33 16.76 -8.33
N ARG A 32 -10.20 18.06 -8.53
CA ARG A 32 -9.55 18.93 -7.54
C ARG A 32 -10.34 19.16 -6.26
N THR A 33 -11.63 18.86 -6.25
CA THR A 33 -12.39 19.11 -5.03
C THR A 33 -12.39 17.96 -4.04
N PHE A 34 -12.18 18.31 -2.77
CA PHE A 34 -12.26 17.34 -1.66
C PHE A 34 -13.17 17.87 -0.54
N PHE A 35 -13.56 16.98 0.38
CA PHE A 35 -14.64 17.24 1.31
C PHE A 35 -14.20 16.93 2.73
N PRO A 36 -14.76 17.66 3.71
CA PRO A 36 -14.46 17.41 5.12
C PRO A 36 -14.80 15.98 5.52
N GLU A 37 -14.06 15.44 6.48
CA GLU A 37 -14.45 14.22 7.19
C GLU A 37 -15.29 14.52 8.42
N TYR A 38 -15.13 15.74 8.98
CA TYR A 38 -15.84 16.18 10.18
C TYR A 38 -16.37 17.59 9.98
N THR A 39 -17.65 17.83 10.30
CA THR A 39 -18.18 19.20 10.39
C THR A 39 -19.01 19.43 11.68
N HIS A 40 -18.95 18.47 12.59
CA HIS A 40 -19.79 18.44 13.81
C HIS A 40 -19.50 19.61 14.78
N GLN A 41 -18.32 20.20 14.71
CA GLN A 41 -17.97 21.27 15.65
C GLN A 41 -18.62 22.59 15.25
N LEU A 42 -19.11 22.67 14.01
CA LEU A 42 -19.91 23.83 13.58
C LEU A 42 -21.38 23.51 13.36
N PHE A 43 -21.65 22.32 12.82
CA PHE A 43 -22.99 21.96 12.35
C PHE A 43 -23.61 20.82 13.16
N GLY A 44 -23.04 20.57 14.33
CA GLY A 44 -23.60 19.65 15.31
C GLY A 44 -23.36 18.19 14.99
N ASP A 45 -23.79 17.32 15.91
CA ASP A 45 -23.58 15.89 15.77
C ASP A 45 -24.11 15.33 14.45
N ASP A 46 -25.26 15.87 14.00
CA ASP A 46 -25.95 15.42 12.79
C ASP A 46 -25.26 15.91 11.53
N GLU A 47 -24.33 16.88 11.67
CA GLU A 47 -23.62 17.49 10.53
C GLU A 47 -24.56 17.94 9.41
N THR A 48 -25.52 18.78 9.78
N THR A 48 -25.54 18.76 9.79
CA THR A 48 -26.51 19.26 8.83
CA THR A 48 -26.52 19.26 8.84
C THR A 48 -26.69 20.77 8.96
C THR A 48 -26.61 20.79 8.94
N ALA A 49 -27.00 21.42 7.84
CA ALA A 49 -27.34 22.83 7.84
C ALA A 49 -28.79 22.98 7.37
N PHE A 50 -29.56 23.85 8.03
CA PHE A 50 -30.96 24.04 7.66
C PHE A 50 -31.34 25.35 6.92
N GLY A 51 -32.18 25.23 5.88
CA GLY A 51 -32.82 26.39 5.27
C GLY A 51 -32.58 26.58 3.79
N TYR A 52 -31.73 25.73 3.22
CA TYR A 52 -31.25 25.89 1.84
C TYR A 52 -31.44 24.63 1.00
N LYS A 53 -31.88 24.83 -0.24
CA LYS A 53 -31.90 23.74 -1.20
C LYS A 53 -30.74 23.95 -2.17
N GLY A 54 -30.02 22.86 -2.47
CA GLY A 54 -28.83 22.91 -3.31
C GLY A 54 -27.67 23.70 -2.72
N LEU A 55 -27.42 23.51 -1.42
CA LEU A 55 -26.38 24.27 -0.70
C LEU A 55 -24.99 23.87 -1.14
N LYS A 56 -24.17 24.88 -1.45
CA LYS A 56 -22.74 24.73 -1.75
C LYS A 56 -21.97 25.74 -0.92
N ILE A 57 -21.06 25.25 -0.08
CA ILE A 57 -20.18 26.10 0.70
C ILE A 57 -18.77 25.96 0.09
N LEU A 58 -18.37 26.97 -0.68
CA LEU A 58 -17.10 26.93 -1.41
C LEU A 58 -15.98 27.54 -0.56
N LEU A 59 -14.98 26.72 -0.26
CA LEU A 59 -13.77 27.19 0.39
C LEU A 59 -12.61 26.79 -0.52
N TYR A 60 -12.19 27.73 -1.35
CA TYR A 60 -11.13 27.49 -2.33
C TYR A 60 -9.84 28.19 -1.87
N TYR A 61 -8.70 27.51 -2.01
CA TYR A 61 -7.40 28.03 -1.55
C TYR A 61 -6.34 28.03 -2.65
N ILE A 62 -5.65 29.15 -2.80
CA ILE A 62 -4.52 29.14 -3.71
C ILE A 62 -3.45 28.18 -3.10
N ALA A 63 -2.84 27.37 -3.96
CA ALA A 63 -2.13 26.14 -3.50
C ALA A 63 -1.06 26.38 -2.44
N GLY A 64 -0.30 27.46 -2.62
CA GLY A 64 0.86 27.77 -1.77
C GLY A 64 0.45 28.63 -0.57
N SER A 65 0.20 29.91 -0.85
CA SER A 65 -0.21 30.92 0.15
C SER A 65 -1.50 30.60 0.90
N LEU A 66 -2.34 29.73 0.33
CA LEU A 66 -3.72 29.47 0.84
C LEU A 66 -4.63 30.73 0.92
N SER A 67 -4.35 31.73 0.09
CA SER A 67 -5.29 32.85 -0.09
C SER A 67 -6.63 32.25 -0.44
N THR A 68 -7.68 32.79 0.16
CA THR A 68 -8.97 32.10 0.28
C THR A 68 -10.08 32.79 -0.45
N MET A 69 -10.88 32.00 -1.17
CA MET A 69 -12.19 32.45 -1.63
C MET A 69 -13.25 31.71 -0.77
N PHE A 70 -14.13 32.46 -0.16
CA PHE A 70 -15.29 31.88 0.54
C PHE A 70 -16.58 32.42 -0.07
N ARG A 71 -17.41 31.49 -0.56
CA ARG A 71 -18.76 31.74 -1.12
C ARG A 71 -19.75 30.69 -0.62
N VAL A 72 -20.94 31.14 -0.26
CA VAL A 72 -22.08 30.24 -0.01
C VAL A 72 -23.06 30.41 -1.18
N GLU A 73 -23.36 29.31 -1.86
CA GLU A 73 -24.32 29.30 -2.94
C GLU A 73 -25.47 28.35 -2.60
N TYR A 74 -26.59 28.54 -3.29
CA TYR A 74 -27.77 27.70 -3.08
C TYR A 74 -28.80 27.92 -4.18
N ALA A 75 -29.62 26.88 -4.43
CA ALA A 75 -30.70 26.96 -5.43
C ALA A 75 -31.85 27.82 -4.92
N SER A 76 -32.31 27.51 -3.71
CA SER A 76 -33.33 28.30 -3.05
C SER A 76 -33.12 28.28 -1.54
N LYS A 77 -33.92 29.05 -0.82
CA LYS A 77 -33.88 29.03 0.63
C LYS A 77 -35.25 29.36 1.21
N VAL A 78 -35.44 29.04 2.49
CA VAL A 78 -36.71 29.28 3.17
C VAL A 78 -36.97 30.78 3.28
N ASP A 79 -38.26 31.14 3.35
CA ASP A 79 -38.69 32.52 3.53
C ASP A 79 -39.54 32.50 4.78
N GLU A 80 -39.08 33.24 5.80
CA GLU A 80 -39.80 33.30 7.08
C GLU A 80 -41.28 33.78 6.95
N ASN A 81 -41.60 34.47 5.85
CA ASN A 81 -42.98 34.88 5.60
C ASN A 81 -43.93 33.74 5.18
N PHE A 82 -43.42 32.80 4.39
CA PHE A 82 -44.23 31.66 3.92
C PHE A 82 -43.90 30.31 4.57
N ASP A 83 -42.69 30.19 5.12
CA ASP A 83 -42.23 28.95 5.76
C ASP A 83 -42.25 29.09 7.28
N CYS A 84 -42.23 30.34 7.75
CA CYS A 84 -42.34 30.67 9.17
C CYS A 84 -41.11 30.22 9.97
N VAL A 85 -40.00 30.08 9.26
CA VAL A 85 -38.72 29.75 9.88
C VAL A 85 -37.62 30.44 9.07
N GLU A 86 -36.50 30.73 9.75
CA GLU A 86 -35.34 31.39 9.16
C GLU A 86 -34.26 30.35 8.80
N ALA A 87 -33.54 30.57 7.70
CA ALA A 87 -32.42 29.70 7.37
C ALA A 87 -31.29 29.87 8.41
N ASP A 88 -30.52 28.79 8.59
CA ASP A 88 -29.28 28.79 9.39
C ASP A 88 -28.26 29.81 8.88
N ASP A 89 -27.51 30.40 9.80
CA ASP A 89 -26.48 31.39 9.47
C ASP A 89 -25.17 30.64 9.13
N VAL A 90 -25.20 29.98 7.98
CA VAL A 90 -24.08 29.16 7.49
C VAL A 90 -22.84 30.04 7.33
N GLU A 91 -23.04 31.21 6.73
CA GLU A 91 -21.96 32.19 6.54
C GLU A 91 -21.27 32.62 7.85
N GLY A 92 -22.06 32.95 8.88
CA GLY A 92 -21.50 33.28 10.19
C GLY A 92 -20.71 32.14 10.82
N LYS A 93 -21.23 30.91 10.72
CA LYS A 93 -20.54 29.75 11.28
C LYS A 93 -19.13 29.60 10.67
N ILE A 94 -19.05 29.64 9.34
CA ILE A 94 -17.76 29.51 8.66
C ILE A 94 -16.80 30.66 9.03
N ARG A 95 -17.30 31.88 9.05
CA ARG A 95 -16.50 33.05 9.42
C ARG A 95 -15.98 32.93 10.85
N GLN A 96 -16.59 32.10 11.69
CA GLN A 96 -16.00 31.81 13.01
C GLN A 96 -14.62 31.13 12.93
N ILE A 97 -14.35 30.41 11.84
CA ILE A 97 -13.11 29.62 11.81
C ILE A 97 -12.13 29.93 10.66
N ILE A 98 -12.46 30.90 9.81
CA ILE A 98 -11.52 31.43 8.82
C ILE A 98 -11.18 32.92 9.12
N PRO A 99 -9.93 33.35 8.81
CA PRO A 99 -9.65 34.76 9.11
C PRO A 99 -10.37 35.73 8.13
N PRO A 100 -10.51 37.01 8.52
CA PRO A 100 -11.14 37.96 7.60
C PRO A 100 -10.26 38.23 6.39
N GLY A 101 -10.83 38.81 5.35
CA GLY A 101 -10.04 39.22 4.20
C GLY A 101 -10.07 38.28 3.01
N PHE A 102 -10.84 37.20 3.09
CA PHE A 102 -11.01 36.26 1.97
C PHE A 102 -11.69 36.99 0.82
N CYS A 103 -11.44 36.59 -0.41
CA CYS A 103 -12.25 37.17 -1.49
C CYS A 103 -13.55 36.36 -1.66
N THR A 104 -14.49 36.87 -2.46
CA THR A 104 -15.85 36.32 -2.50
C THR A 104 -16.37 35.92 -3.91
N ASN A 105 -15.46 35.87 -4.90
CA ASN A 105 -15.84 35.53 -6.26
C ASN A 105 -14.61 35.01 -7.00
N THR A 106 -14.84 34.20 -8.03
CA THR A 106 -13.72 33.56 -8.68
C THR A 106 -12.87 34.53 -9.48
N ASN A 107 -13.47 35.63 -9.98
CA ASN A 107 -12.68 36.68 -10.66
C ASN A 107 -11.56 37.23 -9.77
N ASP A 108 -11.91 37.63 -8.55
CA ASP A 108 -10.93 38.19 -7.62
C ASP A 108 -9.88 37.16 -7.18
N PHE A 109 -10.34 35.92 -7.00
CA PHE A 109 -9.49 34.80 -6.64
C PHE A 109 -8.42 34.53 -7.73
N LEU A 110 -8.86 34.54 -8.98
CA LEU A 110 -7.97 34.37 -10.13
C LEU A 110 -6.94 35.50 -10.26
N SER A 111 -7.35 36.72 -9.95
CA SER A 111 -6.39 37.83 -9.95
C SER A 111 -5.28 37.61 -8.90
N LEU A 112 -5.63 37.12 -7.72
CA LEU A 112 -4.63 36.72 -6.71
C LEU A 112 -3.71 35.56 -7.18
N LEU A 113 -4.28 34.59 -7.88
CA LEU A 113 -3.51 33.50 -8.52
C LEU A 113 -2.39 33.99 -9.44
N GLU A 114 -2.62 35.10 -10.16
CA GLU A 114 -1.59 35.65 -11.06
C GLU A 114 -0.25 35.91 -10.38
N LYS A 115 -0.29 36.31 -9.12
CA LYS A 115 0.94 36.72 -8.40
C LYS A 115 1.44 35.66 -7.40
N GLU A 116 0.88 34.45 -7.48
CA GLU A 116 1.18 33.35 -6.55
C GLU A 116 2.67 32.92 -6.57
N VAL A 117 3.36 33.21 -7.67
CA VAL A 117 4.80 32.95 -7.78
C VAL A 117 5.61 33.67 -6.66
N ASP A 118 5.06 34.76 -6.14
CA ASP A 118 5.73 35.50 -5.05
C ASP A 118 5.71 34.72 -3.73
N PHE A 119 4.80 33.76 -3.62
CA PHE A 119 4.74 32.93 -2.41
C PHE A 119 5.99 32.05 -2.28
N LYS A 120 6.62 32.14 -1.11
CA LYS A 120 7.78 31.34 -0.70
C LYS A 120 7.53 30.60 0.63
N PRO A 121 8.19 29.45 0.82
CA PRO A 121 8.04 28.65 2.02
C PRO A 121 8.64 29.38 3.22
N PHE A 122 8.07 29.15 4.39
CA PHE A 122 8.52 29.82 5.60
C PHE A 122 9.55 28.97 6.32
N GLY A 123 10.54 29.63 6.92
CA GLY A 123 11.40 28.95 7.88
C GLY A 123 12.67 28.38 7.32
N THR A 124 13.18 27.38 8.03
CA THR A 124 14.43 26.74 7.72
C THR A 124 14.22 25.38 7.02
N LEU A 125 14.87 25.24 5.86
CA LEU A 125 14.80 23.97 5.12
C LEU A 125 15.46 22.84 5.89
N LEU A 126 14.70 21.75 6.12
CA LEU A 126 15.24 20.58 6.86
C LEU A 126 15.56 19.40 5.96
N HIS A 127 14.78 19.24 4.91
CA HIS A 127 14.88 18.02 4.12
C HIS A 127 14.22 18.21 2.78
N THR A 128 14.85 17.66 1.73
CA THR A 128 14.25 17.64 0.38
C THR A 128 14.19 16.19 -0.12
N TYR A 129 13.11 15.80 -0.80
CA TYR A 129 13.03 14.45 -1.35
C TYR A 129 12.22 14.47 -2.63
N SER A 130 12.44 13.45 -3.46
CA SER A 130 11.77 13.36 -4.74
C SER A 130 11.13 11.97 -4.86
N VAL A 131 9.97 11.93 -5.49
CA VAL A 131 9.33 10.69 -5.90
C VAL A 131 9.63 10.55 -7.41
N LEU A 132 10.60 9.69 -7.75
CA LEU A 132 11.12 9.57 -9.14
C LEU A 132 10.30 8.55 -9.93
N SER A 133 9.99 8.84 -11.18
CA SER A 133 9.16 7.90 -11.95
C SER A 133 9.98 6.65 -12.32
N PRO A 134 9.41 5.44 -12.12
CA PRO A 134 10.11 4.20 -12.49
C PRO A 134 10.02 3.93 -13.99
N THR A 135 9.22 4.74 -14.67
CA THR A 135 8.70 4.43 -15.99
C THR A 135 8.94 5.54 -17.03
N GLY A 136 9.82 6.49 -16.73
CA GLY A 136 10.11 7.60 -17.67
C GLY A 136 9.06 8.73 -17.69
N GLY A 137 8.27 8.80 -16.62
CA GLY A 137 7.22 9.80 -16.47
C GLY A 137 7.65 10.95 -15.60
N GLU A 138 6.67 11.69 -15.09
CA GLU A 138 6.89 12.79 -14.19
C GLU A 138 7.55 12.41 -12.88
N ASN A 139 8.48 13.25 -12.43
CA ASN A 139 9.06 13.16 -11.08
C ASN A 139 8.43 14.28 -10.25
N PHE A 140 8.32 14.07 -8.93
CA PHE A 140 7.79 15.12 -8.02
C PHE A 140 8.79 15.41 -6.88
N THR A 141 8.90 16.67 -6.49
CA THR A 141 9.90 17.14 -5.53
C THR A 141 9.20 17.93 -4.41
N PHE A 142 9.62 17.61 -3.17
CA PHE A 142 9.00 18.02 -1.92
C PHE A 142 10.09 18.51 -0.96
N GLN A 143 9.71 19.43 -0.07
CA GLN A 143 10.62 19.96 0.91
C GLN A 143 9.88 20.14 2.22
N ILE A 144 10.63 19.95 3.30
CA ILE A 144 10.12 20.15 4.65
C ILE A 144 10.93 21.26 5.35
N TYR A 145 10.20 22.20 5.97
CA TYR A 145 10.72 23.39 6.67
C TYR A 145 10.25 23.40 8.11
N LYS A 146 11.06 23.97 8.99
CA LYS A 146 10.60 24.31 10.34
C LYS A 146 10.39 25.81 10.36
N ALA A 147 9.19 26.24 10.75
CA ALA A 147 8.85 27.64 10.69
C ALA A 147 8.39 28.15 12.04
N ASP A 148 8.39 29.46 12.22
CA ASP A 148 7.94 30.09 13.46
C ASP A 148 7.36 31.46 13.12
N MET A 149 6.85 32.15 14.14
CA MET A 149 6.21 33.45 13.95
C MET A 149 7.15 34.65 13.63
N THR A 150 8.48 34.43 13.66
CA THR A 150 9.44 35.44 13.16
C THR A 150 9.47 35.56 11.67
N CYS A 151 8.99 34.51 11.00
CA CYS A 151 8.94 34.46 9.55
C CYS A 151 7.83 35.34 9.09
N ARG A 152 8.19 36.30 8.21
CA ARG A 152 7.22 37.26 7.67
C ARG A 152 6.09 36.51 6.98
N GLY A 153 4.86 36.86 7.36
CA GLY A 153 3.65 36.24 6.79
C GLY A 153 3.23 34.90 7.38
N PHE A 154 4.04 34.30 8.26
CA PHE A 154 3.66 33.01 8.84
C PHE A 154 2.39 33.01 9.69
N ARG A 155 2.22 34.03 10.55
CA ARG A 155 1.08 34.12 11.44
C ARG A 155 -0.21 34.05 10.68
N GLU A 156 -0.34 34.91 9.66
CA GLU A 156 -1.55 34.97 8.82
C GLU A 156 -1.79 33.70 7.99
N TYR A 157 -0.71 33.14 7.44
CA TYR A 157 -0.78 31.84 6.73
C TYR A 157 -1.28 30.71 7.61
N HIS A 158 -0.78 30.66 8.85
CA HIS A 158 -1.15 29.60 9.81
C HIS A 158 -2.63 29.75 10.13
N GLU A 159 -3.11 30.99 10.26
CA GLU A 159 -4.55 31.17 10.44
C GLU A 159 -5.36 30.62 9.26
N ARG A 160 -4.91 30.83 8.02
CA ARG A 160 -5.60 30.26 6.86
C ARG A 160 -5.56 28.73 6.84
N LEU A 161 -4.39 28.18 7.16
CA LEU A 161 -4.14 26.73 7.20
C LEU A 161 -4.91 25.95 8.29
N GLN A 162 -4.97 26.52 9.50
CA GLN A 162 -5.51 25.79 10.65
C GLN A 162 -6.95 25.40 10.46
N THR A 163 -7.69 26.15 9.65
CA THR A 163 -9.09 25.78 9.36
C THR A 163 -9.21 24.33 8.92
N PHE A 164 -8.23 23.86 8.15
CA PHE A 164 -8.26 22.47 7.65
C PHE A 164 -8.29 21.41 8.77
N LEU A 165 -7.73 21.76 9.94
CA LEU A 165 -7.77 20.80 11.07
C LEU A 165 -9.21 20.50 11.50
N MET A 166 -10.08 21.51 11.43
CA MET A 166 -11.49 21.31 11.85
C MET A 166 -12.21 20.24 10.99
N TRP A 167 -11.91 20.21 9.69
CA TRP A 167 -12.51 19.25 8.74
C TRP A 167 -11.94 17.84 8.85
N PHE A 168 -10.72 17.70 9.37
CA PHE A 168 -9.96 16.42 9.23
C PHE A 168 -9.42 15.77 10.51
N ILE A 169 -9.51 16.51 11.59
CA ILE A 169 -9.12 16.00 12.92
C ILE A 169 -10.36 16.17 13.81
N GLU A 170 -10.87 15.05 14.35
CA GLU A 170 -12.16 15.06 15.06
C GLU A 170 -12.26 16.12 16.16
N THR A 171 -11.25 16.19 17.03
CA THR A 171 -11.31 17.07 18.18
C THR A 171 -10.34 18.25 18.10
N ALA A 172 -10.02 18.65 16.86
CA ALA A 172 -9.13 19.81 16.64
C ALA A 172 -9.59 21.03 17.43
N SER A 173 -8.62 21.69 18.06
CA SER A 173 -8.81 23.06 18.56
C SER A 173 -7.67 23.99 18.09
N PHE A 174 -7.96 25.28 17.97
CA PHE A 174 -6.93 26.22 17.55
C PHE A 174 -5.97 26.56 18.67
N ILE A 175 -4.68 26.52 18.34
CA ILE A 175 -3.64 26.68 19.38
C ILE A 175 -3.41 28.15 19.74
N ASP A 176 -2.81 28.37 20.91
CA ASP A 176 -2.36 29.72 21.30
C ASP A 176 -1.01 29.98 20.68
N VAL A 177 -0.98 30.70 19.57
CA VAL A 177 0.30 30.97 18.92
C VAL A 177 1.25 31.92 19.70
N ASP A 178 0.76 32.55 20.75
CA ASP A 178 1.70 33.38 21.57
C ASP A 178 2.54 32.55 22.50
N ASP A 179 2.22 31.25 22.59
CA ASP A 179 2.96 30.34 23.45
C ASP A 179 4.24 29.88 22.70
N GLU A 180 5.40 30.27 23.22
CA GLU A 180 6.68 30.04 22.57
C GLU A 180 7.13 28.57 22.48
N ARG A 181 6.40 27.65 23.14
CA ARG A 181 6.74 26.21 23.08
C ARG A 181 6.15 25.49 21.84
N TRP A 182 5.29 26.19 21.10
CA TRP A 182 4.80 25.66 19.79
C TRP A 182 5.90 25.68 18.75
N HIS A 183 6.14 24.48 18.17
CA HIS A 183 6.94 24.34 16.97
C HIS A 183 6.06 23.93 15.80
N TYR A 184 6.46 24.36 14.61
CA TYR A 184 5.68 24.17 13.37
C TYR A 184 6.57 23.54 12.30
N PHE A 185 6.10 22.44 11.69
CA PHE A 185 6.85 21.77 10.62
C PHE A 185 5.98 21.73 9.37
N LEU A 186 6.50 22.24 8.25
CA LEU A 186 5.70 22.41 7.01
C LEU A 186 6.19 21.58 5.86
N VAL A 187 5.27 21.06 5.05
CA VAL A 187 5.65 20.28 3.84
C VAL A 187 5.15 21.01 2.59
N PHE A 188 6.04 21.22 1.61
CA PHE A 188 5.69 21.88 0.35
C PHE A 188 6.07 20.99 -0.82
N GLU A 189 5.25 21.05 -1.87
CA GLU A 189 5.65 20.49 -3.18
C GLU A 189 6.06 21.64 -4.11
N LYS A 190 7.20 21.47 -4.75
CA LYS A 190 7.63 22.38 -5.80
C LYS A 190 6.92 22.05 -7.10
N TYR A 191 6.53 23.07 -7.85
CA TYR A 191 5.94 22.85 -9.17
C TYR A 191 6.27 24.00 -10.11
N ASN A 192 6.21 23.73 -11.42
CA ASN A 192 6.45 24.76 -12.43
C ASN A 192 5.16 25.30 -13.05
N LYS A 193 5.14 26.61 -13.33
CA LYS A 193 4.03 27.29 -13.99
C LYS A 193 4.66 28.48 -14.71
N ASP A 194 4.38 28.59 -16.01
CA ASP A 194 4.87 29.71 -16.85
C ASP A 194 6.39 29.97 -16.78
N GLY A 195 7.13 28.89 -16.71
CA GLY A 195 8.57 28.96 -16.73
C GLY A 195 9.11 29.40 -15.39
N ALA A 196 8.27 29.35 -14.34
CA ALA A 196 8.73 29.66 -13.00
C ALA A 196 8.60 28.49 -12.02
N THR A 197 9.18 28.64 -10.84
CA THR A 197 9.11 27.63 -9.78
C THR A 197 8.33 28.17 -8.58
N LEU A 198 7.30 27.42 -8.19
CA LEU A 198 6.34 27.76 -7.15
C LEU A 198 6.21 26.64 -6.11
N PHE A 199 5.56 26.94 -4.99
CA PHE A 199 5.41 26.08 -3.82
C PHE A 199 3.96 25.84 -3.44
N ALA A 200 3.56 24.57 -3.36
CA ALA A 200 2.21 24.18 -2.97
C ALA A 200 2.23 23.59 -1.56
N THR A 201 1.34 24.07 -0.70
CA THR A 201 1.20 23.49 0.65
C THR A 201 0.71 22.03 0.60
N VAL A 202 1.45 21.14 1.28
CA VAL A 202 1.13 19.68 1.27
C VAL A 202 0.49 19.29 2.59
N GLY A 203 1.05 19.81 3.68
CA GLY A 203 0.57 19.49 5.02
C GLY A 203 1.53 20.06 6.05
N TYR A 204 1.28 19.70 7.30
CA TYR A 204 2.07 20.21 8.42
C TYR A 204 1.85 19.47 9.71
N MET A 205 2.68 19.84 10.69
CA MET A 205 2.57 19.37 12.04
C MET A 205 2.90 20.49 13.06
N THR A 206 2.10 20.59 14.13
CA THR A 206 2.45 21.35 15.32
C THR A 206 2.91 20.38 16.43
N VAL A 207 3.99 20.80 17.08
CA VAL A 207 4.65 20.02 18.14
C VAL A 207 4.81 20.93 19.37
N TYR A 208 4.37 20.47 20.54
CA TYR A 208 4.53 21.27 21.74
C TYR A 208 5.77 20.86 22.49
N ASN A 209 6.67 21.81 22.73
CA ASN A 209 7.95 21.47 23.31
C ASN A 209 7.78 21.40 24.86
N TYR A 210 7.21 20.29 25.32
CA TYR A 210 6.71 20.16 26.70
C TYR A 210 7.87 20.14 27.72
N TYR A 211 7.76 20.94 28.76
CA TYR A 211 8.83 21.04 29.79
C TYR A 211 8.87 19.84 30.74
N VAL A 212 10.06 19.24 30.90
CA VAL A 212 10.28 18.11 31.84
C VAL A 212 11.33 18.57 32.85
N TYR A 213 10.86 18.86 34.06
CA TYR A 213 11.75 19.31 35.15
C TYR A 213 12.97 18.39 35.44
N PRO A 214 14.14 18.99 35.68
CA PRO A 214 14.43 20.42 35.71
C PRO A 214 14.88 21.05 34.38
N ASP A 215 15.35 20.24 33.43
CA ASP A 215 16.12 20.84 32.31
C ASP A 215 16.00 20.07 31.00
N LYS A 216 14.87 19.38 30.82
CA LYS A 216 14.66 18.64 29.58
C LYS A 216 13.32 19.02 28.97
N THR A 217 13.10 18.51 27.76
CA THR A 217 11.80 18.57 27.09
C THR A 217 11.43 17.21 26.51
N ARG A 218 10.12 17.03 26.31
CA ARG A 218 9.58 15.87 25.62
C ARG A 218 8.57 16.43 24.60
N PRO A 219 9.03 16.75 23.38
CA PRO A 219 8.22 17.25 22.27
C PRO A 219 7.00 16.35 22.06
N ARG A 220 5.82 16.98 21.97
CA ARG A 220 4.55 16.31 21.85
C ARG A 220 3.90 16.66 20.51
N VAL A 221 3.84 15.68 19.61
CA VAL A 221 3.08 15.87 18.37
C VAL A 221 1.57 16.13 18.69
N SER A 222 1.09 17.29 18.30
CA SER A 222 -0.26 17.75 18.64
C SER A 222 -1.20 17.58 17.48
N GLN A 223 -0.89 18.22 16.35
CA GLN A 223 -1.83 18.26 15.22
C GLN A 223 -1.02 17.92 14.01
N MET A 224 -1.45 16.91 13.26
CA MET A 224 -0.67 16.52 12.06
C MET A 224 -1.65 16.33 10.92
N LEU A 225 -1.38 17.01 9.81
CA LEU A 225 -2.29 16.84 8.67
C LEU A 225 -1.57 16.85 7.32
N ILE A 226 -1.81 15.82 6.52
CA ILE A 226 -1.40 15.80 5.10
C ILE A 226 -2.72 16.00 4.37
N LEU A 227 -2.79 17.08 3.61
CA LEU A 227 -4.03 17.45 2.90
C LEU A 227 -4.49 16.31 1.97
N THR A 228 -5.81 16.09 1.94
CA THR A 228 -6.41 15.00 1.18
C THR A 228 -5.73 14.57 -0.14
N PRO A 229 -5.52 15.52 -1.09
CA PRO A 229 -4.95 15.11 -2.39
C PRO A 229 -3.56 14.45 -2.32
N PHE A 230 -2.83 14.66 -1.22
CA PHE A 230 -1.46 14.15 -1.06
C PHE A 230 -1.34 12.93 -0.12
N GLN A 231 -2.46 12.46 0.42
CA GLN A 231 -2.41 11.38 1.41
C GLN A 231 -2.02 10.03 0.77
N GLY A 232 -1.49 9.12 1.58
CA GLY A 232 -1.11 7.77 1.11
C GLY A 232 -0.02 7.72 0.05
N GLN A 233 0.86 8.72 0.04
CA GLN A 233 1.93 8.84 -0.94
C GLN A 233 3.31 8.96 -0.24
N GLY A 234 3.32 8.74 1.07
CA GLY A 234 4.59 8.69 1.80
C GLY A 234 4.98 10.00 2.51
N HIS A 235 4.17 11.06 2.38
CA HIS A 235 4.51 12.38 2.96
C HIS A 235 4.43 12.42 4.50
N GLY A 236 3.39 11.79 5.05
CA GLY A 236 3.23 11.68 6.49
C GLY A 236 4.47 11.01 7.08
N ALA A 237 4.91 9.94 6.44
CA ALA A 237 6.08 9.20 6.94
C ALA A 237 7.36 10.04 6.88
N GLN A 238 7.56 10.70 5.74
CA GLN A 238 8.69 11.62 5.54
C GLN A 238 8.66 12.69 6.64
N LEU A 239 7.47 13.26 6.91
CA LEU A 239 7.34 14.33 7.87
C LEU A 239 7.69 13.86 9.28
N LEU A 240 7.12 12.74 9.74
CA LEU A 240 7.40 12.28 11.11
C LEU A 240 8.88 11.88 11.24
N GLU A 241 9.45 11.29 10.19
CA GLU A 241 10.89 10.94 10.23
C GLU A 241 11.77 12.18 10.34
N THR A 242 11.46 13.21 9.53
CA THR A 242 12.20 14.47 9.55
C THR A 242 12.13 15.15 10.91
N VAL A 243 10.94 15.12 11.51
CA VAL A 243 10.72 15.64 12.87
C VAL A 243 11.58 14.91 13.93
N HIS A 244 11.59 13.58 13.90
CA HIS A 244 12.44 12.80 14.79
C HIS A 244 13.91 13.16 14.55
N ARG A 245 14.33 13.21 13.29
CA ARG A 245 15.71 13.57 12.95
C ARG A 245 16.09 14.98 13.42
N TYR A 246 15.15 15.92 13.31
CA TYR A 246 15.35 17.29 13.81
C TYR A 246 15.66 17.29 15.32
N TYR A 247 14.77 16.71 16.14
CA TYR A 247 14.94 16.70 17.60
C TYR A 247 16.11 15.81 18.09
N THR A 248 16.56 14.87 17.26
CA THR A 248 17.70 13.98 17.62
C THR A 248 19.00 14.79 17.86
N GLU A 249 19.09 16.00 17.29
CA GLU A 249 20.29 16.82 17.48
C GLU A 249 20.41 17.53 18.84
N PHE A 250 19.33 17.45 19.63
CA PHE A 250 19.24 18.16 20.91
C PHE A 250 19.36 17.19 22.11
N PRO A 251 20.52 17.20 22.83
CA PRO A 251 20.68 16.39 24.06
C PRO A 251 19.63 16.60 25.13
N THR A 252 19.05 17.80 25.20
CA THR A 252 18.02 18.13 26.21
C THR A 252 16.62 17.54 25.90
N VAL A 253 16.43 17.08 24.66
CA VAL A 253 15.21 16.33 24.28
C VAL A 253 15.27 14.89 24.77
N LEU A 254 14.29 14.49 25.58
CA LEU A 254 14.24 13.10 26.06
C LEU A 254 13.76 12.16 24.94
N ASP A 255 12.51 12.34 24.53
CA ASP A 255 11.93 11.58 23.41
C ASP A 255 10.62 12.25 22.92
N ILE A 256 9.93 11.65 21.96
CA ILE A 256 8.81 12.35 21.36
C ILE A 256 7.53 11.58 21.65
N THR A 257 6.48 12.30 21.99
CA THR A 257 5.17 11.68 22.23
C THR A 257 4.10 12.29 21.32
N ALA A 258 2.83 12.03 21.58
CA ALA A 258 1.73 12.63 20.82
C ALA A 258 0.56 12.90 21.77
N GLU A 259 -0.28 13.87 21.39
CA GLU A 259 -1.49 14.25 22.12
C GLU A 259 -2.67 13.43 21.61
N ASP A 260 -3.24 12.57 22.45
CA ASP A 260 -4.40 11.76 22.04
C ASP A 260 -4.31 11.18 20.62
N PRO A 261 -3.28 10.36 20.31
CA PRO A 261 -3.10 9.99 18.90
C PRO A 261 -4.25 9.12 18.34
N SER A 262 -4.61 9.33 17.07
CA SER A 262 -5.55 8.45 16.35
C SER A 262 -4.93 7.09 16.00
N LYS A 263 -5.80 6.10 15.76
CA LYS A 263 -5.45 4.79 15.25
C LYS A 263 -4.55 4.88 13.99
N SER A 264 -4.93 5.75 13.06
CA SER A 264 -4.16 5.97 11.84
C SER A 264 -2.79 6.62 12.14
N TYR A 265 -2.74 7.49 13.16
CA TYR A 265 -1.45 8.07 13.56
C TYR A 265 -0.55 6.99 14.19
N VAL A 266 -1.13 6.18 15.07
CA VAL A 266 -0.41 5.07 15.69
C VAL A 266 0.22 4.14 14.64
N LYS A 267 -0.56 3.83 13.60
CA LYS A 267 -0.11 3.00 12.48
C LYS A 267 1.04 3.68 11.74
N LEU A 268 0.87 4.94 11.43
CA LEU A 268 1.92 5.73 10.79
C LEU A 268 3.20 5.73 11.65
N ARG A 269 3.04 6.02 12.94
CA ARG A 269 4.19 6.12 13.85
C ARG A 269 4.92 4.77 13.92
N ASP A 270 4.15 3.69 14.01
CA ASP A 270 4.72 2.33 14.04
C ASP A 270 5.55 2.14 12.77
N PHE A 271 4.98 2.48 11.61
CA PHE A 271 5.70 2.35 10.33
C PHE A 271 7.05 3.08 10.38
N VAL A 272 7.04 4.35 10.77
CA VAL A 272 8.23 5.22 10.72
C VAL A 272 9.30 4.69 11.71
N LEU A 273 8.85 4.34 12.92
CA LEU A 273 9.80 3.99 13.98
C LEU A 273 10.44 2.62 13.75
N VAL A 274 9.68 1.69 13.19
CA VAL A 274 10.22 0.38 12.78
C VAL A 274 11.31 0.56 11.71
N LYS A 275 11.05 1.42 10.73
CA LYS A 275 12.03 1.75 9.69
C LYS A 275 13.32 2.31 10.30
N LEU A 276 13.19 3.21 11.26
CA LEU A 276 14.35 3.84 11.88
C LEU A 276 15.17 2.80 12.65
N CYS A 277 14.49 1.95 13.41
CA CYS A 277 15.15 0.98 14.31
C CYS A 277 15.63 -0.34 13.67
N GLN A 278 15.11 -0.67 12.50
CA GLN A 278 15.24 -2.02 11.96
C GLN A 278 16.69 -2.52 11.88
N ASP A 279 17.63 -1.64 11.53
CA ASP A 279 19.01 -2.03 11.34
C ASP A 279 19.96 -1.63 12.49
N LEU A 280 19.39 -1.17 13.59
CA LEU A 280 20.16 -0.93 14.82
C LEU A 280 20.63 -2.25 15.45
N PRO A 281 21.86 -2.27 16.00
CA PRO A 281 22.44 -3.48 16.59
C PRO A 281 21.55 -4.13 17.67
N CYS A 282 20.89 -3.34 18.52
N CYS A 282 20.89 -3.33 18.51
CA CYS A 282 20.05 -3.91 19.58
CA CYS A 282 20.04 -3.88 19.59
C CYS A 282 18.82 -4.65 19.04
C CYS A 282 18.77 -4.56 19.07
N PHE A 283 18.44 -4.35 17.80
CA PHE A 283 17.29 -5.02 17.14
C PHE A 283 17.71 -6.07 16.10
N SER A 284 18.93 -6.63 16.21
CA SER A 284 19.34 -7.67 15.30
C SER A 284 18.41 -8.87 15.55
N ARG A 285 18.30 -9.75 14.56
CA ARG A 285 17.46 -10.95 14.66
C ARG A 285 17.77 -11.76 15.92
N GLU A 286 19.06 -11.91 16.21
CA GLU A 286 19.55 -12.71 17.35
C GLU A 286 19.17 -12.07 18.69
N LYS A 287 19.11 -10.75 18.72
CA LYS A 287 18.63 -10.05 19.90
C LYS A 287 17.11 -10.21 20.05
N LEU A 288 16.38 -10.02 18.95
CA LEU A 288 14.92 -10.12 18.95
C LEU A 288 14.43 -11.48 19.46
N MET A 289 15.14 -12.53 19.05
CA MET A 289 14.79 -13.92 19.40
C MET A 289 14.96 -14.23 20.88
N GLN A 290 15.67 -13.35 21.59
CA GLN A 290 15.89 -13.49 23.04
C GLN A 290 14.81 -12.74 23.83
N GLY A 291 13.93 -12.02 23.15
CA GLY A 291 12.86 -11.30 23.83
C GLY A 291 13.18 -9.83 24.03
N PHE A 292 12.21 -9.04 24.46
CA PHE A 292 12.44 -7.60 24.60
C PHE A 292 13.49 -7.39 25.65
N ASN A 293 14.45 -6.49 25.37
CA ASN A 293 15.44 -6.08 26.37
C ASN A 293 15.46 -4.57 26.47
N GLU A 294 15.60 -4.06 27.68
CA GLU A 294 15.59 -2.63 27.93
C GLU A 294 16.56 -1.84 27.06
N ASP A 295 17.70 -2.44 26.70
CA ASP A 295 18.68 -1.68 25.93
C ASP A 295 18.19 -1.33 24.51
N MET A 296 17.12 -2.01 24.09
CA MET A 296 16.39 -1.65 22.85
C MET A 296 15.67 -0.31 23.01
N ALA A 297 15.01 -0.10 24.15
CA ALA A 297 14.43 1.21 24.46
C ALA A 297 15.50 2.28 24.61
N ILE A 298 16.59 1.91 25.31
CA ILE A 298 17.74 2.80 25.50
C ILE A 298 18.31 3.25 24.14
N GLU A 299 18.63 2.30 23.26
CA GLU A 299 19.20 2.63 21.95
C GLU A 299 18.22 3.47 21.10
N ALA A 300 16.94 3.07 21.06
CA ALA A 300 15.95 3.82 20.31
C ALA A 300 15.82 5.28 20.82
N GLN A 301 15.90 5.49 22.13
CA GLN A 301 15.78 6.83 22.69
C GLN A 301 16.99 7.68 22.33
N GLN A 302 18.18 7.10 22.47
CA GLN A 302 19.43 7.80 22.26
C GLN A 302 19.65 8.15 20.80
N LYS A 303 19.30 7.22 19.91
CA LYS A 303 19.52 7.39 18.46
C LYS A 303 18.48 8.24 17.74
N PHE A 304 17.22 8.18 18.18
CA PHE A 304 16.08 8.74 17.43
C PHE A 304 15.02 9.40 18.26
N LYS A 305 15.28 9.56 19.57
CA LYS A 305 14.32 10.21 20.50
C LYS A 305 12.96 9.49 20.50
N ILE A 306 13.03 8.16 20.46
CA ILE A 306 11.85 7.30 20.51
C ILE A 306 11.49 6.97 21.98
N ASN A 307 10.24 7.23 22.35
CA ASN A 307 9.72 6.97 23.68
C ASN A 307 9.71 5.47 23.99
N LYS A 308 10.00 5.12 25.24
CA LYS A 308 10.10 3.70 25.67
C LYS A 308 8.89 2.87 25.28
N GLN A 309 7.69 3.42 25.42
CA GLN A 309 6.46 2.69 25.08
C GLN A 309 6.46 2.32 23.59
N HIS A 310 6.94 3.25 22.77
CA HIS A 310 6.98 3.04 21.35
C HIS A 310 8.08 2.08 20.96
N ALA A 311 9.21 2.08 21.68
CA ALA A 311 10.30 1.16 21.40
C ALA A 311 9.87 -0.30 21.62
N ARG A 312 9.00 -0.52 22.60
CA ARG A 312 8.43 -1.85 22.87
C ARG A 312 7.55 -2.36 21.70
N ARG A 313 6.69 -1.49 21.16
CA ARG A 313 5.92 -1.81 19.95
C ARG A 313 6.85 -2.14 18.78
N VAL A 314 7.91 -1.34 18.65
CA VAL A 314 8.90 -1.61 17.60
C VAL A 314 9.43 -3.04 17.74
N TYR A 315 9.79 -3.42 18.98
CA TYR A 315 10.25 -4.77 19.26
C TYR A 315 9.23 -5.80 18.79
N GLU A 316 7.96 -5.65 19.21
CA GLU A 316 6.90 -6.61 18.85
C GLU A 316 6.74 -6.80 17.34
N ILE A 317 6.73 -5.68 16.62
CA ILE A 317 6.52 -5.67 15.18
C ILE A 317 7.71 -6.34 14.49
N LEU A 318 8.92 -5.96 14.89
CA LEU A 318 10.14 -6.60 14.35
C LEU A 318 10.26 -8.10 14.72
N ARG A 319 9.87 -8.50 15.93
CA ARG A 319 9.88 -9.94 16.26
C ARG A 319 8.94 -10.73 15.33
N LEU A 320 7.76 -10.17 15.04
CA LEU A 320 6.81 -10.78 14.11
C LEU A 320 7.39 -10.86 12.68
N LEU A 321 8.25 -9.90 12.35
CA LEU A 321 8.79 -9.81 11.00
C LEU A 321 9.90 -10.83 10.74
N VAL A 322 10.56 -11.26 11.79
CA VAL A 322 11.72 -12.12 11.64
C VAL A 322 11.31 -13.61 11.75
N THR A 323 10.03 -13.83 12.04
CA THR A 323 9.46 -15.17 12.21
C THR A 323 8.33 -15.41 11.18
N ASP A 324 7.77 -16.63 11.20
CA ASP A 324 6.72 -17.01 10.25
C ASP A 324 5.42 -17.51 10.88
N GLY B 1 40.07 -11.97 -32.01
CA GLY B 1 38.75 -11.41 -31.64
C GLY B 1 38.96 -10.22 -30.73
N SER B 2 38.25 -9.13 -31.03
CA SER B 2 38.33 -7.89 -30.26
C SER B 2 36.97 -7.35 -29.82
N LYS B 3 35.97 -8.23 -29.70
CA LYS B 3 34.68 -7.81 -29.10
C LYS B 3 34.91 -7.27 -27.69
N LYS B 4 34.09 -6.31 -27.28
CA LYS B 4 34.07 -5.86 -25.90
C LYS B 4 33.15 -6.89 -25.16
N LEU B 5 33.76 -7.94 -24.60
CA LEU B 5 32.99 -9.13 -24.18
C LEU B 5 32.09 -8.90 -22.96
N ALA B 6 32.34 -7.80 -22.27
CA ALA B 6 31.45 -7.34 -21.18
C ALA B 6 30.06 -7.05 -21.74
N GLU B 7 29.98 -6.64 -23.01
CA GLU B 7 28.70 -6.42 -23.68
C GLU B 7 27.95 -7.70 -24.04
N TYR B 8 28.66 -8.82 -23.99
CA TYR B 8 28.07 -10.13 -24.29
C TYR B 8 27.83 -10.93 -23.01
N LYS B 9 27.74 -10.24 -21.88
CA LYS B 9 27.26 -10.84 -20.61
C LYS B 9 25.97 -10.09 -20.24
N CYS B 10 24.86 -10.82 -19.99
CA CYS B 10 23.54 -10.20 -19.88
CA CYS B 10 23.54 -10.20 -19.88
C CYS B 10 22.77 -10.61 -18.61
N ASN B 11 22.18 -9.62 -17.93
CA ASN B 11 21.27 -9.92 -16.81
C ASN B 11 20.04 -10.69 -17.26
N THR B 12 19.91 -11.92 -16.80
CA THR B 12 18.75 -12.74 -17.22
C THR B 12 17.41 -12.29 -16.64
N ASN B 13 17.43 -11.60 -15.50
CA ASN B 13 16.19 -11.11 -14.89
C ASN B 13 15.55 -10.03 -15.75
N THR B 14 16.37 -9.34 -16.53
CA THR B 14 15.85 -8.32 -17.46
C THR B 14 15.79 -8.83 -18.93
N ALA B 15 16.53 -9.87 -19.26
CA ALA B 15 16.53 -10.42 -20.64
C ALA B 15 15.29 -11.28 -20.94
N ILE B 16 14.76 -11.94 -19.90
CA ILE B 16 13.54 -12.75 -20.01
C ILE B 16 12.27 -11.89 -19.94
N GLU B 17 11.52 -11.93 -21.04
CA GLU B 17 10.33 -11.10 -21.23
C GLU B 17 9.11 -11.98 -21.26
N LEU B 18 8.28 -11.81 -20.24
CA LEU B 18 7.05 -12.59 -20.10
C LEU B 18 5.85 -11.76 -20.53
N LYS B 19 4.86 -12.40 -21.17
CA LYS B 19 3.62 -11.71 -21.52
C LYS B 19 2.49 -12.73 -21.34
N LEU B 20 1.36 -12.22 -20.89
CA LEU B 20 0.09 -12.94 -20.94
C LEU B 20 -0.76 -12.24 -22.01
N VAL B 21 -1.17 -12.99 -23.04
CA VAL B 21 -1.73 -12.43 -24.27
C VAL B 21 -3.21 -12.81 -24.40
N ARG B 22 -4.05 -11.78 -24.43
CA ARG B 22 -5.49 -11.91 -24.69
C ARG B 22 -5.85 -11.47 -26.11
N PHE B 23 -5.16 -10.43 -26.58
CA PHE B 23 -5.41 -9.83 -27.87
C PHE B 23 -4.11 -9.70 -28.66
N PRO B 24 -4.20 -9.78 -29.99
CA PRO B 24 -2.98 -9.64 -30.81
C PRO B 24 -2.14 -8.37 -30.50
N GLU B 25 -2.77 -7.23 -30.17
CA GLU B 25 -2.01 -6.01 -29.86
C GLU B 25 -1.12 -6.11 -28.61
N ASP B 26 -1.44 -7.09 -27.76
CA ASP B 26 -0.67 -7.38 -26.55
C ASP B 26 0.79 -7.69 -26.88
N LEU B 27 1.01 -8.31 -28.04
CA LEU B 27 2.34 -8.64 -28.55
C LEU B 27 3.22 -7.39 -28.77
N GLU B 28 2.59 -6.25 -29.08
CA GLU B 28 3.34 -5.02 -29.35
C GLU B 28 3.31 -3.97 -28.24
N ASN B 29 2.60 -4.27 -27.16
CA ASN B 29 2.46 -3.33 -26.06
C ASN B 29 3.43 -3.69 -24.93
N ASP B 30 4.47 -2.89 -24.75
CA ASP B 30 5.48 -3.15 -23.70
C ASP B 30 4.94 -3.17 -22.26
N ILE B 31 3.82 -2.48 -22.05
CA ILE B 31 3.09 -2.50 -20.76
C ILE B 31 2.74 -3.91 -20.35
N ARG B 32 2.40 -4.73 -21.34
CA ARG B 32 2.07 -6.14 -21.10
C ARG B 32 3.23 -7.01 -20.64
N THR B 33 4.46 -6.55 -20.88
CA THR B 33 5.66 -7.34 -20.53
C THR B 33 6.00 -7.22 -19.05
N PHE B 34 6.24 -8.38 -18.43
CA PHE B 34 6.80 -8.45 -17.08
C PHE B 34 8.00 -9.39 -17.00
N PHE B 35 8.78 -9.30 -15.92
CA PHE B 35 10.10 -9.95 -15.85
C PHE B 35 10.23 -10.77 -14.57
N PRO B 36 11.13 -11.78 -14.59
CA PRO B 36 11.40 -12.58 -13.40
C PRO B 36 11.95 -11.75 -12.26
N GLU B 37 11.62 -12.17 -11.02
CA GLU B 37 12.33 -11.74 -9.82
C GLU B 37 13.58 -12.60 -9.53
N TYR B 38 13.59 -13.85 -10.05
CA TYR B 38 14.67 -14.82 -9.81
C TYR B 38 14.98 -15.57 -11.10
N THR B 39 16.27 -15.73 -11.42
CA THR B 39 16.66 -16.63 -12.51
C THR B 39 17.89 -17.46 -12.12
N HIS B 40 18.26 -17.37 -10.84
CA HIS B 40 19.48 -17.96 -10.28
C HIS B 40 19.49 -19.50 -10.33
N GLN B 41 18.31 -20.12 -10.37
CA GLN B 41 18.24 -21.60 -10.43
C GLN B 41 18.67 -22.12 -11.81
N LEU B 42 18.61 -21.27 -12.82
CA LEU B 42 19.00 -21.63 -14.16
C LEU B 42 20.29 -20.94 -14.60
N PHE B 43 20.46 -19.67 -14.19
CA PHE B 43 21.55 -18.84 -14.68
C PHE B 43 22.54 -18.45 -13.58
N GLY B 44 22.49 -19.17 -12.45
CA GLY B 44 23.48 -19.05 -11.36
C GLY B 44 23.25 -17.85 -10.48
N ASP B 45 24.00 -17.74 -9.37
CA ASP B 45 23.79 -16.65 -8.42
C ASP B 45 23.97 -15.28 -9.06
N ASP B 46 24.83 -15.19 -10.07
CA ASP B 46 25.03 -13.96 -10.81
C ASP B 46 23.88 -13.60 -11.75
N GLU B 47 23.01 -14.58 -12.05
CA GLU B 47 21.86 -14.33 -12.96
C GLU B 47 22.32 -13.62 -14.25
N THR B 48 23.28 -14.27 -14.94
CA THR B 48 23.75 -13.80 -16.24
C THR B 48 23.87 -14.95 -17.22
N ALA B 49 23.76 -14.58 -18.49
CA ALA B 49 23.95 -15.47 -19.63
C ALA B 49 25.06 -14.86 -20.48
N PHE B 50 25.96 -15.70 -21.00
CA PHE B 50 27.07 -15.23 -21.82
C PHE B 50 26.94 -15.56 -23.30
N GLY B 51 27.37 -14.62 -24.15
CA GLY B 51 27.61 -14.91 -25.55
C GLY B 51 26.76 -14.13 -26.52
N TYR B 52 25.84 -13.32 -25.99
CA TYR B 52 24.82 -12.59 -26.77
C TYR B 52 24.84 -11.13 -26.38
N LYS B 53 24.74 -10.25 -27.40
CA LYS B 53 24.46 -8.84 -27.22
C LYS B 53 23.04 -8.53 -27.71
N GLY B 54 22.31 -7.73 -26.94
CA GLY B 54 20.88 -7.47 -27.20
C GLY B 54 20.02 -8.69 -27.00
N LEU B 55 20.35 -9.50 -25.99
CA LEU B 55 19.63 -10.76 -25.74
C LEU B 55 18.20 -10.53 -25.27
N LYS B 56 17.25 -11.20 -25.91
CA LYS B 56 15.84 -11.21 -25.45
C LYS B 56 15.41 -12.67 -25.48
N ILE B 57 15.00 -13.18 -24.32
CA ILE B 57 14.43 -14.53 -24.17
C ILE B 57 12.90 -14.33 -24.01
N LEU B 58 12.16 -14.64 -25.07
CA LEU B 58 10.73 -14.38 -25.11
C LEU B 58 9.93 -15.61 -24.67
N LEU B 59 9.07 -15.41 -23.67
CA LEU B 59 8.18 -16.45 -23.20
C LEU B 59 6.80 -15.85 -23.10
N TYR B 60 6.01 -16.06 -24.15
CA TYR B 60 4.67 -15.44 -24.26
C TYR B 60 3.65 -16.53 -24.05
N TYR B 61 2.63 -16.24 -23.25
CA TYR B 61 1.57 -17.19 -22.88
C TYR B 61 0.20 -16.70 -23.30
N ILE B 62 -0.57 -17.54 -23.97
CA ILE B 62 -1.95 -17.20 -24.20
C ILE B 62 -2.62 -17.14 -22.81
N ALA B 63 -3.44 -16.11 -22.61
CA ALA B 63 -3.82 -15.69 -21.24
C ALA B 63 -4.48 -16.80 -20.41
N GLY B 64 -5.29 -17.63 -21.03
CA GLY B 64 -6.03 -18.66 -20.30
C GLY B 64 -5.25 -19.96 -20.28
N SER B 65 -5.26 -20.67 -21.42
CA SER B 65 -4.58 -21.98 -21.59
C SER B 65 -3.08 -21.97 -21.28
N LEU B 66 -2.47 -20.79 -21.39
CA LEU B 66 -1.00 -20.65 -21.29
C LEU B 66 -0.23 -21.39 -22.39
N SER B 67 -0.88 -21.67 -23.51
CA SER B 67 -0.17 -22.10 -24.70
C SER B 67 0.96 -21.12 -24.98
N THR B 68 2.15 -21.65 -25.27
CA THR B 68 3.41 -20.92 -25.16
C THR B 68 4.10 -20.68 -26.50
N MET B 69 4.59 -19.45 -26.69
CA MET B 69 5.61 -19.18 -27.70
C MET B 69 6.95 -18.97 -26.98
N PHE B 70 7.99 -19.65 -27.45
CA PHE B 70 9.35 -19.45 -26.92
C PHE B 70 10.33 -19.11 -28.06
N ARG B 71 10.99 -17.94 -27.95
CA ARG B 71 12.03 -17.49 -28.90
C ARG B 71 13.21 -16.86 -28.19
N VAL B 72 14.42 -17.12 -28.70
CA VAL B 72 15.62 -16.41 -28.27
C VAL B 72 16.06 -15.48 -29.41
N GLU B 73 16.10 -14.18 -29.14
CA GLU B 73 16.50 -13.16 -30.10
C GLU B 73 17.75 -12.43 -29.59
N TYR B 74 18.51 -11.85 -30.50
CA TYR B 74 19.73 -11.11 -30.13
C TYR B 74 20.17 -10.24 -31.30
N ALA B 75 20.96 -9.20 -31.02
CA ALA B 75 21.54 -8.38 -32.08
C ALA B 75 22.82 -9.00 -32.62
N SER B 76 23.61 -9.62 -31.74
CA SER B 76 24.75 -10.39 -32.18
C SER B 76 25.16 -11.42 -31.14
N LYS B 77 26.00 -12.34 -31.59
CA LYS B 77 26.39 -13.55 -30.86
C LYS B 77 27.86 -13.87 -31.16
N VAL B 78 28.59 -14.34 -30.16
CA VAL B 78 30.00 -14.73 -30.36
C VAL B 78 30.04 -15.95 -31.29
N ASP B 79 31.18 -16.15 -31.93
CA ASP B 79 31.36 -17.22 -32.89
C ASP B 79 32.80 -17.66 -32.64
N GLU B 80 32.96 -18.91 -32.21
CA GLU B 80 34.27 -19.45 -31.84
C GLU B 80 35.36 -19.18 -32.90
N ASN B 81 34.98 -19.25 -34.19
CA ASN B 81 35.92 -19.06 -35.31
C ASN B 81 36.39 -17.62 -35.47
N PHE B 82 35.82 -16.73 -34.64
CA PHE B 82 36.23 -15.31 -34.57
C PHE B 82 36.64 -14.87 -33.16
N ASP B 83 36.01 -15.45 -32.16
CA ASP B 83 36.15 -14.97 -30.79
C ASP B 83 36.75 -16.01 -29.82
N CYS B 84 37.03 -17.22 -30.30
CA CYS B 84 37.65 -18.32 -29.50
C CYS B 84 36.77 -18.85 -28.37
N VAL B 85 35.52 -18.38 -28.32
CA VAL B 85 34.54 -18.85 -27.36
C VAL B 85 33.17 -19.05 -28.00
N GLU B 86 32.35 -19.88 -27.36
CA GLU B 86 31.01 -20.21 -27.82
C GLU B 86 29.98 -19.64 -26.86
N ALA B 87 28.84 -19.21 -27.40
CA ALA B 87 27.75 -18.68 -26.61
C ALA B 87 27.14 -19.77 -25.73
N ASP B 88 26.59 -19.36 -24.60
CA ASP B 88 25.82 -20.23 -23.72
C ASP B 88 24.63 -20.85 -24.44
N ASP B 89 24.26 -22.05 -24.04
CA ASP B 89 23.11 -22.69 -24.66
C ASP B 89 21.85 -22.30 -23.88
N VAL B 90 21.47 -21.05 -24.11
CA VAL B 90 20.29 -20.41 -23.49
C VAL B 90 18.96 -21.15 -23.78
N GLU B 91 18.74 -21.54 -25.05
CA GLU B 91 17.54 -22.32 -25.40
C GLU B 91 17.49 -23.62 -24.63
N GLY B 92 18.64 -24.30 -24.52
CA GLY B 92 18.72 -25.56 -23.80
C GLY B 92 18.32 -25.43 -22.33
N LYS B 93 18.83 -24.39 -21.70
CA LYS B 93 18.49 -24.09 -20.30
C LYS B 93 17.00 -23.83 -20.09
N ILE B 94 16.40 -22.98 -20.93
CA ILE B 94 14.95 -22.73 -20.80
C ILE B 94 14.10 -23.99 -21.04
N ARG B 95 14.51 -24.81 -22.03
CA ARG B 95 13.77 -26.06 -22.33
C ARG B 95 13.79 -27.06 -21.17
N GLN B 96 14.73 -26.92 -20.22
CA GLN B 96 14.73 -27.76 -18.99
C GLN B 96 13.49 -27.52 -18.11
N ILE B 97 12.86 -26.35 -18.24
CA ILE B 97 11.79 -25.97 -17.33
C ILE B 97 10.44 -25.63 -17.97
N ILE B 98 10.38 -25.74 -19.30
CA ILE B 98 9.15 -25.62 -20.03
C ILE B 98 8.89 -26.93 -20.79
N PRO B 99 7.60 -27.31 -20.91
CA PRO B 99 7.27 -28.53 -21.65
C PRO B 99 7.51 -28.40 -23.14
N PRO B 100 7.64 -29.55 -23.86
CA PRO B 100 7.79 -29.53 -25.32
C PRO B 100 6.52 -29.02 -26.04
N GLY B 101 6.64 -28.70 -27.31
CA GLY B 101 5.44 -28.35 -28.10
C GLY B 101 5.09 -26.88 -28.14
N PHE B 102 5.97 -26.03 -27.60
CA PHE B 102 5.79 -24.58 -27.70
C PHE B 102 5.86 -24.15 -29.16
N CYS B 103 5.24 -23.03 -29.50
CA CYS B 103 5.52 -22.49 -30.81
C CYS B 103 6.72 -21.56 -30.78
N THR B 104 7.20 -21.17 -31.96
CA THR B 104 8.46 -20.47 -32.07
C THR B 104 8.37 -19.21 -32.92
N ASN B 105 7.15 -18.80 -33.25
CA ASN B 105 6.92 -17.60 -34.06
C ASN B 105 5.57 -17.02 -33.75
N THR B 106 5.39 -15.73 -34.04
CA THR B 106 4.16 -15.05 -33.65
C THR B 106 2.93 -15.46 -34.50
N ASN B 107 3.13 -15.82 -35.78
CA ASN B 107 2.06 -16.35 -36.65
C ASN B 107 1.41 -17.62 -36.09
N ASP B 108 2.24 -18.58 -35.68
CA ASP B 108 1.74 -19.81 -35.09
C ASP B 108 1.05 -19.51 -33.75
N PHE B 109 1.61 -18.57 -33.00
CA PHE B 109 1.08 -18.14 -31.69
C PHE B 109 -0.30 -17.50 -31.84
N LEU B 110 -0.47 -16.67 -32.86
CA LEU B 110 -1.76 -16.03 -33.13
C LEU B 110 -2.85 -17.01 -33.60
N SER B 111 -2.46 -18.06 -34.33
CA SER B 111 -3.40 -19.14 -34.69
C SER B 111 -3.95 -19.89 -33.47
N LEU B 112 -3.08 -20.16 -32.50
CA LEU B 112 -3.48 -20.65 -31.20
C LEU B 112 -4.39 -19.69 -30.45
N LEU B 113 -4.10 -18.40 -30.50
CA LEU B 113 -4.95 -17.40 -29.88
C LEU B 113 -6.40 -17.47 -30.35
N GLU B 114 -6.60 -17.74 -31.64
CA GLU B 114 -7.96 -17.86 -32.21
C GLU B 114 -8.76 -18.98 -31.54
N LYS B 115 -8.05 -20.01 -31.08
CA LYS B 115 -8.69 -21.18 -30.45
C LYS B 115 -9.04 -21.00 -28.96
N GLU B 116 -8.62 -19.89 -28.39
CA GLU B 116 -8.74 -19.63 -26.95
C GLU B 116 -10.21 -19.62 -26.49
N VAL B 117 -11.12 -19.30 -27.40
CA VAL B 117 -12.53 -19.42 -27.09
C VAL B 117 -12.90 -20.78 -26.44
N ASP B 118 -12.21 -21.85 -26.82
CA ASP B 118 -12.46 -23.20 -26.28
C ASP B 118 -11.93 -23.42 -24.85
N PHE B 119 -11.13 -22.51 -24.33
CA PHE B 119 -10.49 -22.75 -23.03
C PHE B 119 -11.50 -22.50 -21.91
N LYS B 120 -11.60 -23.45 -21.00
CA LYS B 120 -12.45 -23.32 -19.80
C LYS B 120 -11.62 -23.62 -18.52
N PRO B 121 -12.00 -23.03 -17.37
CA PRO B 121 -11.36 -23.38 -16.07
C PRO B 121 -11.46 -24.87 -15.78
N PHE B 122 -10.45 -25.42 -15.14
CA PHE B 122 -10.49 -26.79 -14.66
C PHE B 122 -11.11 -26.93 -13.28
N GLY B 123 -11.84 -28.04 -13.10
CA GLY B 123 -12.25 -28.47 -11.75
C GLY B 123 -13.52 -27.84 -11.28
N THR B 124 -13.67 -27.75 -9.95
CA THR B 124 -14.93 -27.34 -9.30
C THR B 124 -14.92 -25.87 -8.84
N LEU B 125 -15.97 -25.13 -9.20
CA LEU B 125 -16.04 -23.72 -8.85
C LEU B 125 -16.29 -23.60 -7.33
N LEU B 126 -15.46 -22.82 -6.66
CA LEU B 126 -15.57 -22.65 -5.22
C LEU B 126 -16.12 -21.30 -4.83
N HIS B 127 -15.77 -20.27 -5.61
CA HIS B 127 -16.02 -18.88 -5.22
C HIS B 127 -15.95 -17.95 -6.43
N THR B 128 -16.84 -16.95 -6.47
CA THR B 128 -16.89 -15.93 -7.51
C THR B 128 -16.95 -14.59 -6.80
N TYR B 129 -16.24 -13.59 -7.35
CA TYR B 129 -16.28 -12.25 -6.81
C TYR B 129 -16.06 -11.25 -7.94
N SER B 130 -16.37 -10.00 -7.63
CA SER B 130 -16.36 -8.92 -8.61
C SER B 130 -15.56 -7.79 -8.06
N VAL B 131 -14.93 -7.03 -8.95
CA VAL B 131 -14.25 -5.81 -8.57
C VAL B 131 -14.73 -4.66 -9.44
N LEU B 132 -15.11 -3.56 -8.79
CA LEU B 132 -15.29 -2.26 -9.45
C LEU B 132 -13.94 -1.60 -9.58
N GLU B 138 -17.35 0.05 -15.05
CA GLU B 138 -16.64 -1.19 -15.35
C GLU B 138 -16.54 -2.13 -14.15
N ASN B 139 -16.99 -3.38 -14.35
CA ASN B 139 -16.96 -4.42 -13.32
C ASN B 139 -16.24 -5.69 -13.82
N PHE B 140 -15.27 -6.17 -13.03
CA PHE B 140 -14.49 -7.36 -13.40
C PHE B 140 -14.88 -8.56 -12.53
N THR B 141 -15.02 -9.73 -13.15
CA THR B 141 -15.43 -10.92 -12.43
C THR B 141 -14.30 -11.95 -12.41
N PHE B 142 -14.09 -12.53 -11.21
CA PHE B 142 -13.05 -13.54 -10.94
C PHE B 142 -13.68 -14.79 -10.33
N GLN B 143 -13.06 -15.95 -10.60
CA GLN B 143 -13.58 -17.22 -10.11
C GLN B 143 -12.42 -18.03 -9.57
N ILE B 144 -12.68 -18.79 -8.52
CA ILE B 144 -11.69 -19.70 -7.92
C ILE B 144 -12.19 -21.13 -7.97
N TYR B 145 -11.30 -22.02 -8.42
CA TYR B 145 -11.61 -23.42 -8.67
C TYR B 145 -10.68 -24.32 -7.88
N LYS B 146 -11.16 -25.50 -7.54
CA LYS B 146 -10.27 -26.57 -7.08
C LYS B 146 -10.21 -27.60 -8.20
N ALA B 147 -9.00 -27.86 -8.66
CA ALA B 147 -8.76 -28.77 -9.81
C ALA B 147 -7.90 -29.92 -9.38
N ASP B 148 -7.98 -31.05 -10.09
CA ASP B 148 -7.06 -32.14 -9.85
C ASP B 148 -6.58 -32.75 -11.16
N MET B 149 -5.61 -33.67 -11.04
CA MET B 149 -4.98 -34.27 -12.22
C MET B 149 -5.90 -35.18 -13.07
N THR B 150 -7.09 -35.52 -12.55
CA THR B 150 -8.09 -36.27 -13.35
C THR B 150 -8.83 -35.40 -14.39
N CYS B 151 -8.73 -34.08 -14.25
CA CYS B 151 -9.43 -33.15 -15.16
C CYS B 151 -8.69 -33.12 -16.48
N ARG B 152 -9.42 -33.34 -17.58
CA ARG B 152 -8.77 -33.41 -18.90
C ARG B 152 -8.01 -32.11 -19.19
N GLY B 153 -6.76 -32.23 -19.63
CA GLY B 153 -5.95 -31.07 -19.96
C GLY B 153 -5.23 -30.42 -18.78
N PHE B 154 -5.60 -30.74 -17.53
CA PHE B 154 -5.01 -30.05 -16.34
C PHE B 154 -3.50 -30.35 -16.18
N ARG B 155 -3.13 -31.61 -16.37
CA ARG B 155 -1.73 -31.99 -16.24
C ARG B 155 -0.81 -31.19 -17.15
N GLU B 156 -1.20 -31.09 -18.41
CA GLU B 156 -0.44 -30.36 -19.43
C GLU B 156 -0.43 -28.84 -19.11
N TYR B 157 -1.59 -28.31 -18.77
CA TYR B 157 -1.70 -26.91 -18.34
C TYR B 157 -0.79 -26.59 -17.14
N HIS B 158 -0.81 -27.44 -16.12
CA HIS B 158 0.05 -27.24 -14.96
C HIS B 158 1.54 -27.25 -15.31
N GLU B 159 1.93 -28.11 -16.25
CA GLU B 159 3.32 -28.05 -16.73
C GLU B 159 3.69 -26.67 -17.33
N ARG B 160 2.74 -26.03 -18.01
CA ARG B 160 3.02 -24.73 -18.63
C ARG B 160 3.00 -23.65 -17.53
N LEU B 161 2.09 -23.81 -16.59
CA LEU B 161 1.92 -22.89 -15.44
C LEU B 161 3.12 -22.93 -14.47
N GLN B 162 3.60 -24.13 -14.12
CA GLN B 162 4.55 -24.21 -13.02
C GLN B 162 5.86 -23.46 -13.28
N THR B 163 6.24 -23.27 -14.55
CA THR B 163 7.44 -22.49 -14.88
C THR B 163 7.47 -21.12 -14.19
N PHE B 164 6.29 -20.48 -14.08
CA PHE B 164 6.22 -19.16 -13.41
C PHE B 164 6.77 -19.16 -11.99
N LEU B 165 6.65 -20.29 -11.29
CA LEU B 165 7.16 -20.39 -9.93
C LEU B 165 8.68 -20.18 -9.83
N MET B 166 9.40 -20.70 -10.82
CA MET B 166 10.86 -20.50 -10.90
C MET B 166 11.24 -19.01 -10.96
N TRP B 167 10.43 -18.18 -11.63
CA TRP B 167 10.78 -16.78 -11.80
C TRP B 167 10.35 -15.97 -10.58
N PHE B 168 9.45 -16.52 -9.76
CA PHE B 168 8.80 -15.67 -8.74
C PHE B 168 8.86 -16.14 -7.28
N ILE B 169 9.34 -17.35 -7.07
CA ILE B 169 9.51 -17.93 -5.74
C ILE B 169 10.97 -18.39 -5.67
N GLU B 170 11.70 -17.83 -4.70
CA GLU B 170 13.16 -18.00 -4.64
C GLU B 170 13.61 -19.47 -4.73
N THR B 171 12.97 -20.33 -3.95
CA THR B 171 13.38 -21.72 -3.84
C THR B 171 12.36 -22.69 -4.43
N ALA B 172 11.63 -22.26 -5.47
CA ALA B 172 10.61 -23.11 -6.09
C ALA B 172 11.19 -24.42 -6.62
N SER B 173 10.45 -25.49 -6.44
CA SER B 173 10.79 -26.77 -7.09
C SER B 173 9.50 -27.44 -7.58
N PHE B 174 9.59 -28.22 -8.65
CA PHE B 174 8.37 -28.79 -9.27
C PHE B 174 7.86 -29.94 -8.41
N ILE B 175 6.55 -30.04 -8.27
CA ILE B 175 5.92 -31.06 -7.41
C ILE B 175 5.72 -32.38 -8.14
N ASP B 176 5.58 -33.45 -7.36
CA ASP B 176 5.21 -34.77 -7.87
C ASP B 176 3.69 -34.85 -8.09
N VAL B 177 3.27 -34.70 -9.33
CA VAL B 177 1.81 -34.56 -9.63
C VAL B 177 1.07 -35.90 -9.58
N ASP B 178 1.85 -36.96 -9.55
CA ASP B 178 1.32 -38.33 -9.35
C ASP B 178 0.91 -38.62 -7.91
N ASP B 179 1.29 -37.74 -6.99
CA ASP B 179 0.84 -37.79 -5.60
C ASP B 179 -0.49 -37.09 -5.43
N GLU B 180 -1.55 -37.85 -5.13
CA GLU B 180 -2.88 -37.28 -5.05
C GLU B 180 -3.12 -36.50 -3.77
N ARG B 181 -2.16 -36.49 -2.83
CA ARG B 181 -2.27 -35.58 -1.67
C ARG B 181 -2.05 -34.06 -2.03
N TRP B 182 -1.54 -33.79 -3.23
CA TRP B 182 -1.46 -32.42 -3.73
C TRP B 182 -2.86 -31.96 -4.12
N HIS B 183 -3.26 -30.80 -3.60
CA HIS B 183 -4.48 -30.12 -4.05
C HIS B 183 -4.10 -28.85 -4.80
N TYR B 184 -4.95 -28.47 -5.75
CA TYR B 184 -4.67 -27.34 -6.64
C TYR B 184 -5.82 -26.35 -6.63
N PHE B 185 -5.51 -25.08 -6.40
CA PHE B 185 -6.56 -24.00 -6.38
C PHE B 185 -6.21 -22.95 -7.43
N LEU B 186 -7.15 -22.68 -8.34
CA LEU B 186 -6.90 -21.82 -9.50
C LEU B 186 -7.78 -20.57 -9.49
N VAL B 187 -7.21 -19.45 -9.96
CA VAL B 187 -7.93 -18.18 -10.10
C VAL B 187 -7.96 -17.76 -11.58
N PHE B 188 -9.16 -17.46 -12.07
CA PHE B 188 -9.40 -17.00 -13.44
C PHE B 188 -10.19 -15.67 -13.42
N GLU B 189 -9.92 -14.83 -14.40
CA GLU B 189 -10.74 -13.63 -14.69
C GLU B 189 -11.53 -13.85 -15.96
N LYS B 190 -12.82 -13.52 -15.93
CA LYS B 190 -13.65 -13.57 -17.13
C LYS B 190 -13.43 -12.30 -17.95
N TYR B 191 -13.30 -12.48 -19.26
CA TYR B 191 -13.13 -11.32 -20.17
C TYR B 191 -13.81 -11.59 -21.51
N ASN B 192 -14.19 -10.52 -22.21
CA ASN B 192 -14.93 -10.67 -23.45
C ASN B 192 -14.05 -10.52 -24.67
N LYS B 193 -14.25 -11.39 -25.66
CA LYS B 193 -13.51 -11.27 -26.90
C LYS B 193 -14.33 -11.85 -28.05
N ASP B 194 -14.44 -11.08 -29.13
CA ASP B 194 -15.21 -11.48 -30.31
C ASP B 194 -16.60 -12.02 -29.98
N GLY B 195 -17.25 -11.43 -28.98
CA GLY B 195 -18.64 -11.76 -28.63
C GLY B 195 -18.85 -12.96 -27.74
N ALA B 196 -17.76 -13.45 -27.14
CA ALA B 196 -17.80 -14.58 -26.21
C ALA B 196 -17.08 -14.21 -24.91
N THR B 197 -17.37 -14.96 -23.84
CA THR B 197 -16.61 -14.87 -22.60
C THR B 197 -15.47 -15.90 -22.62
N LEU B 198 -14.27 -15.41 -22.31
CA LEU B 198 -13.07 -16.24 -22.24
C LEU B 198 -12.53 -16.13 -20.81
N PHE B 199 -11.54 -16.95 -20.46
CA PHE B 199 -11.01 -17.00 -19.09
C PHE B 199 -9.49 -16.83 -19.07
N ALA B 200 -9.03 -15.84 -18.30
CA ALA B 200 -7.59 -15.56 -18.16
C ALA B 200 -7.08 -16.17 -16.85
N THR B 201 -5.95 -16.86 -16.91
CA THR B 201 -5.26 -17.31 -15.67
C THR B 201 -4.72 -16.16 -14.82
N VAL B 202 -5.12 -16.12 -13.55
CA VAL B 202 -4.71 -15.06 -12.64
C VAL B 202 -3.58 -15.51 -11.69
N GLY B 203 -3.72 -16.71 -11.15
CA GLY B 203 -2.73 -17.27 -10.22
C GLY B 203 -3.23 -18.60 -9.68
N TYR B 204 -2.48 -19.16 -8.74
CA TYR B 204 -2.85 -20.44 -8.14
C TYR B 204 -2.07 -20.72 -6.87
N MET B 205 -2.50 -21.81 -6.23
CA MET B 205 -1.88 -22.29 -5.02
C MET B 205 -1.88 -23.84 -5.08
N THR B 206 -0.79 -24.45 -4.61
CA THR B 206 -0.72 -25.89 -4.36
C THR B 206 -0.58 -26.16 -2.86
N VAL B 207 -1.30 -27.17 -2.40
CA VAL B 207 -1.38 -27.48 -0.97
C VAL B 207 -1.21 -29.00 -0.83
N TYR B 208 -0.29 -29.40 0.06
CA TYR B 208 -0.11 -30.84 0.33
C TYR B 208 -0.83 -31.29 1.59
N ASN B 209 -1.67 -32.31 1.42
CA ASN B 209 -2.49 -32.85 2.51
C ASN B 209 -1.85 -33.99 3.29
N TYR B 210 -1.10 -33.63 4.33
CA TYR B 210 -0.34 -34.58 5.15
C TYR B 210 -1.29 -35.33 6.04
N TYR B 211 -1.14 -36.65 6.10
CA TYR B 211 -1.80 -37.46 7.12
C TYR B 211 -1.33 -37.00 8.49
N VAL B 212 -2.27 -36.88 9.43
CA VAL B 212 -1.98 -36.62 10.83
C VAL B 212 -2.73 -37.66 11.67
N TYR B 213 -2.02 -38.28 12.61
CA TYR B 213 -2.60 -39.34 13.46
C TYR B 213 -3.83 -38.84 14.25
N PRO B 214 -4.89 -39.67 14.35
CA PRO B 214 -5.12 -40.93 13.65
C PRO B 214 -5.86 -40.89 12.32
N ASP B 215 -6.77 -39.93 12.17
CA ASP B 215 -7.71 -39.85 11.04
C ASP B 215 -7.82 -38.39 10.52
N LYS B 216 -6.76 -37.61 10.73
CA LYS B 216 -6.77 -36.19 10.41
C LYS B 216 -5.81 -35.85 9.27
N THR B 217 -5.88 -34.60 8.82
CA THR B 217 -4.90 -34.07 7.87
C THR B 217 -4.47 -32.67 8.29
N ARG B 218 -3.25 -32.29 7.88
CA ARG B 218 -2.83 -30.91 7.99
C ARG B 218 -2.41 -30.45 6.55
N PRO B 219 -3.29 -29.70 5.88
CA PRO B 219 -2.97 -29.14 4.57
C PRO B 219 -1.80 -28.17 4.71
N ARG B 220 -0.80 -28.32 3.86
CA ARG B 220 0.34 -27.42 3.95
C ARG B 220 0.48 -26.63 2.65
N VAL B 221 0.35 -25.31 2.74
CA VAL B 221 0.44 -24.42 1.57
C VAL B 221 1.91 -24.43 1.14
N SER B 222 2.16 -24.83 -0.11
N SER B 222 2.18 -24.84 -0.10
CA SER B 222 3.52 -25.03 -0.60
CA SER B 222 3.55 -24.95 -0.56
C SER B 222 3.96 -24.01 -1.63
C SER B 222 3.92 -23.87 -1.56
N GLN B 223 3.07 -23.69 -2.57
CA GLN B 223 3.39 -22.72 -3.63
C GLN B 223 2.20 -21.82 -3.84
N MET B 224 2.47 -20.53 -3.96
CA MET B 224 1.39 -19.55 -4.15
C MET B 224 1.87 -18.45 -5.07
N LEU B 225 1.09 -18.14 -6.10
CA LEU B 225 1.48 -17.13 -7.06
C LEU B 225 0.26 -16.45 -7.64
N ILE B 226 0.23 -15.13 -7.48
CA ILE B 226 -0.64 -14.25 -8.22
C ILE B 226 0.29 -13.60 -9.27
N LEU B 227 0.02 -13.86 -10.55
CA LEU B 227 0.84 -13.39 -11.65
C LEU B 227 0.94 -11.85 -11.61
N THR B 228 2.14 -11.37 -11.92
CA THR B 228 2.53 -9.96 -11.75
C THR B 228 1.45 -8.90 -12.07
N PRO B 229 0.84 -8.95 -13.27
CA PRO B 229 -0.15 -7.93 -13.66
C PRO B 229 -1.38 -7.86 -12.75
N PHE B 230 -1.61 -8.90 -11.94
CA PHE B 230 -2.79 -8.95 -11.05
C PHE B 230 -2.50 -8.73 -9.56
N GLN B 231 -1.23 -8.50 -9.22
CA GLN B 231 -0.82 -8.42 -7.83
C GLN B 231 -1.28 -7.12 -7.21
N GLY B 232 -1.40 -7.14 -5.89
CA GLY B 232 -1.70 -5.89 -5.15
C GLY B 232 -3.13 -5.44 -5.40
N GLN B 233 -3.99 -6.37 -5.83
CA GLN B 233 -5.38 -6.05 -6.11
C GLN B 233 -6.39 -6.87 -5.26
N GLY B 234 -5.88 -7.60 -4.29
CA GLY B 234 -6.72 -8.34 -3.34
C GLY B 234 -6.99 -9.79 -3.72
N HIS B 235 -6.47 -10.24 -4.87
CA HIS B 235 -6.59 -11.64 -5.32
C HIS B 235 -5.93 -12.70 -4.43
N GLY B 236 -4.76 -12.36 -3.90
CA GLY B 236 -4.04 -13.26 -3.01
C GLY B 236 -4.82 -13.49 -1.73
N ALA B 237 -5.36 -12.42 -1.17
CA ALA B 237 -6.24 -12.52 0.01
C ALA B 237 -7.51 -13.34 -0.29
N GLN B 238 -8.13 -13.09 -1.45
CA GLN B 238 -9.29 -13.85 -1.87
C GLN B 238 -8.98 -15.37 -1.94
N LEU B 239 -7.84 -15.71 -2.58
CA LEU B 239 -7.39 -17.11 -2.75
C LEU B 239 -7.15 -17.80 -1.38
N LEU B 240 -6.36 -17.16 -0.51
CA LEU B 240 -6.04 -17.78 0.79
C LEU B 240 -7.26 -17.92 1.69
N GLU B 241 -8.12 -16.90 1.71
CA GLU B 241 -9.42 -16.97 2.39
C GLU B 241 -10.29 -18.12 1.87
N THR B 242 -10.43 -18.21 0.56
CA THR B 242 -11.19 -19.27 -0.07
C THR B 242 -10.62 -20.67 0.26
N VAL B 243 -9.31 -20.83 0.24
CA VAL B 243 -8.70 -22.11 0.62
C VAL B 243 -9.01 -22.45 2.10
N HIS B 244 -8.83 -21.48 2.99
CA HIS B 244 -9.24 -21.66 4.40
C HIS B 244 -10.70 -22.07 4.53
N ARG B 245 -11.62 -21.38 3.83
CA ARG B 245 -13.05 -21.76 3.90
C ARG B 245 -13.29 -23.15 3.33
N TYR B 246 -12.58 -23.49 2.25
CA TYR B 246 -12.70 -24.82 1.68
C TYR B 246 -12.43 -25.92 2.71
N TYR B 247 -11.24 -25.87 3.32
CA TYR B 247 -10.85 -26.88 4.32
C TYR B 247 -11.64 -26.85 5.63
N THR B 248 -12.24 -25.69 5.91
CA THR B 248 -13.08 -25.45 7.10
C THR B 248 -14.33 -26.33 7.14
N GLU B 249 -14.83 -26.74 5.98
CA GLU B 249 -15.95 -27.68 5.91
C GLU B 249 -15.60 -29.13 6.30
N PHE B 250 -14.34 -29.45 6.49
CA PHE B 250 -13.93 -30.82 6.82
C PHE B 250 -13.52 -30.97 8.29
N PRO B 251 -14.36 -31.67 9.11
CA PRO B 251 -13.99 -31.92 10.51
C PRO B 251 -12.62 -32.60 10.71
N THR B 252 -12.18 -33.43 9.75
CA THR B 252 -10.91 -34.15 9.86
C THR B 252 -9.68 -33.30 9.53
N VAL B 253 -9.86 -32.12 8.94
CA VAL B 253 -8.72 -31.17 8.83
C VAL B 253 -8.46 -30.57 10.22
N LEU B 254 -7.21 -30.67 10.67
CA LEU B 254 -6.84 -30.12 11.96
C LEU B 254 -6.56 -28.61 11.81
N ASP B 255 -5.55 -28.25 11.02
CA ASP B 255 -5.23 -26.84 10.72
C ASP B 255 -4.28 -26.78 9.56
N ILE B 256 -4.06 -25.55 9.07
CA ILE B 256 -3.30 -25.31 7.84
C ILE B 256 -1.89 -24.75 8.17
N THR B 257 -0.87 -25.23 7.50
CA THR B 257 0.49 -24.71 7.68
C THR B 257 1.07 -24.22 6.34
N ALA B 258 2.37 -23.97 6.31
CA ALA B 258 3.03 -23.58 5.07
C ALA B 258 4.42 -24.15 5.00
N GLU B 259 4.93 -24.31 3.78
CA GLU B 259 6.29 -24.81 3.54
C GLU B 259 7.27 -23.66 3.44
N ASP B 260 8.19 -23.58 4.41
CA ASP B 260 9.24 -22.54 4.41
C ASP B 260 8.76 -21.18 3.86
N PRO B 261 7.74 -20.58 4.50
CA PRO B 261 7.08 -19.42 3.88
C PRO B 261 7.96 -18.17 3.71
N SER B 262 7.76 -17.44 2.62
CA SER B 262 8.49 -16.20 2.40
C SER B 262 7.88 -15.07 3.22
N LYS B 263 8.62 -13.95 3.31
CA LYS B 263 8.15 -12.74 4.01
C LYS B 263 6.82 -12.26 3.48
N SER B 264 6.70 -12.24 2.15
CA SER B 264 5.52 -11.74 1.49
C SER B 264 4.30 -12.63 1.81
N TYR B 265 4.50 -13.96 1.84
CA TYR B 265 3.44 -14.88 2.26
C TYR B 265 3.03 -14.68 3.76
N VAL B 266 4.01 -14.55 4.64
CA VAL B 266 3.71 -14.37 6.08
C VAL B 266 2.85 -13.10 6.27
N LYS B 267 3.18 -12.04 5.54
CA LYS B 267 2.43 -10.78 5.59
C LYS B 267 0.99 -10.95 5.12
N LEU B 268 0.80 -11.63 3.98
CA LEU B 268 -0.55 -11.89 3.46
C LEU B 268 -1.36 -12.72 4.45
N ARG B 269 -0.76 -13.82 4.94
CA ARG B 269 -1.45 -14.70 5.85
C ARG B 269 -1.88 -13.96 7.13
N ASP B 270 -0.95 -13.18 7.73
CA ASP B 270 -1.29 -12.37 8.91
C ASP B 270 -2.52 -11.51 8.62
N PHE B 271 -2.53 -10.83 7.47
CA PHE B 271 -3.66 -10.01 7.06
C PHE B 271 -4.98 -10.81 7.02
N VAL B 272 -4.94 -11.95 6.31
CA VAL B 272 -6.11 -12.80 6.11
C VAL B 272 -6.62 -13.34 7.43
N LEU B 273 -5.73 -13.90 8.25
CA LEU B 273 -6.16 -14.54 9.49
C LEU B 273 -6.63 -13.54 10.58
N VAL B 274 -5.96 -12.40 10.68
CA VAL B 274 -6.42 -11.31 11.56
C VAL B 274 -7.87 -10.93 11.18
N LYS B 275 -8.11 -10.69 9.89
CA LYS B 275 -9.46 -10.33 9.42
C LYS B 275 -10.51 -11.38 9.82
N LEU B 276 -10.19 -12.67 9.63
CA LEU B 276 -11.07 -13.76 10.02
C LEU B 276 -11.33 -13.82 11.54
N CYS B 277 -10.29 -13.64 12.35
CA CYS B 277 -10.42 -13.72 13.83
C CYS B 277 -10.87 -12.45 14.58
N GLN B 278 -10.79 -11.28 13.93
CA GLN B 278 -10.84 -10.01 14.66
C GLN B 278 -12.05 -9.82 15.58
N ASP B 279 -13.19 -10.36 15.17
CA ASP B 279 -14.45 -10.24 15.91
C ASP B 279 -14.89 -11.51 16.64
N LEU B 280 -13.99 -12.48 16.83
CA LEU B 280 -14.26 -13.62 17.70
C LEU B 280 -14.23 -13.20 19.17
N PRO B 281 -15.21 -13.65 19.99
CA PRO B 281 -15.23 -13.34 21.42
C PRO B 281 -13.88 -13.53 22.09
N CYS B 282 -13.15 -14.59 21.75
CA CYS B 282 -11.87 -14.88 22.41
C CYS B 282 -10.78 -13.84 22.16
N PHE B 283 -10.96 -13.01 21.13
CA PHE B 283 -9.98 -12.00 20.77
C PHE B 283 -10.46 -10.59 21.13
N SER B 284 -11.42 -10.50 22.05
CA SER B 284 -11.93 -9.18 22.49
C SER B 284 -10.84 -8.41 23.24
N ARG B 285 -10.98 -7.08 23.27
CA ARG B 285 -10.03 -6.19 23.98
C ARG B 285 -9.71 -6.70 25.40
N GLU B 286 -10.76 -6.99 26.16
CA GLU B 286 -10.66 -7.57 27.51
C GLU B 286 -9.72 -8.80 27.54
N LYS B 287 -9.84 -9.69 26.56
CA LYS B 287 -9.03 -10.90 26.51
C LYS B 287 -7.60 -10.62 26.04
N LEU B 288 -7.45 -9.83 24.98
CA LEU B 288 -6.13 -9.43 24.47
C LEU B 288 -5.20 -8.86 25.53
N MET B 289 -5.75 -7.98 26.39
CA MET B 289 -4.95 -7.37 27.45
C MET B 289 -4.46 -8.38 28.50
N GLN B 290 -5.24 -9.43 28.74
CA GLN B 290 -4.87 -10.48 29.71
C GLN B 290 -3.75 -11.37 29.18
N GLY B 291 -3.40 -11.20 27.91
CA GLY B 291 -2.33 -12.00 27.28
C GLY B 291 -2.88 -13.18 26.50
N PHE B 292 -2.00 -13.88 25.79
CA PHE B 292 -2.42 -15.03 24.98
C PHE B 292 -2.92 -16.11 25.90
N ASN B 293 -4.06 -16.69 25.53
CA ASN B 293 -4.59 -17.84 26.23
C ASN B 293 -5.00 -18.96 25.27
N GLU B 294 -4.93 -20.20 25.73
CA GLU B 294 -5.19 -21.39 24.92
C GLU B 294 -6.57 -21.38 24.24
N ASP B 295 -7.54 -20.66 24.80
CA ASP B 295 -8.88 -20.55 24.19
C ASP B 295 -8.86 -19.84 22.83
N MET B 296 -7.97 -18.87 22.69
CA MET B 296 -7.71 -18.20 21.43
C MET B 296 -7.26 -19.21 20.37
N ALA B 297 -6.32 -20.07 20.73
CA ALA B 297 -5.77 -21.09 19.83
C ALA B 297 -6.81 -22.12 19.41
N ILE B 298 -7.62 -22.56 20.38
CA ILE B 298 -8.66 -23.55 20.09
C ILE B 298 -9.81 -23.02 19.22
N GLU B 299 -10.28 -21.79 19.48
CA GLU B 299 -11.36 -21.20 18.68
C GLU B 299 -10.89 -20.95 17.25
N ALA B 300 -9.67 -20.43 17.10
CA ALA B 300 -9.09 -20.16 15.77
C ALA B 300 -8.94 -21.45 14.95
N GLN B 301 -8.52 -22.53 15.61
CA GLN B 301 -8.30 -23.82 14.96
C GLN B 301 -9.65 -24.43 14.58
N GLN B 302 -10.59 -24.36 15.52
CA GLN B 302 -11.91 -24.94 15.32
C GLN B 302 -12.71 -24.20 14.26
N LYS B 303 -12.70 -22.86 14.31
CA LYS B 303 -13.51 -22.06 13.38
C LYS B 303 -12.92 -21.94 11.98
N PHE B 304 -11.61 -21.75 11.89
CA PHE B 304 -10.95 -21.43 10.61
C PHE B 304 -9.77 -22.33 10.16
N LYS B 305 -9.53 -23.42 10.91
CA LYS B 305 -8.38 -24.31 10.66
C LYS B 305 -7.03 -23.57 10.75
N ILE B 306 -6.92 -22.70 11.73
CA ILE B 306 -5.75 -21.87 11.92
C ILE B 306 -4.85 -22.57 12.93
N ASN B 307 -3.58 -22.73 12.55
CA ASN B 307 -2.56 -23.39 13.36
C ASN B 307 -2.20 -22.52 14.60
N LYS B 308 -1.86 -23.17 15.71
CA LYS B 308 -1.65 -22.44 17.00
C LYS B 308 -0.60 -21.32 16.92
N GLN B 309 0.46 -21.54 16.14
CA GLN B 309 1.53 -20.58 15.98
C GLN B 309 1.07 -19.36 15.18
N HIS B 310 0.10 -19.56 14.31
CA HIS B 310 -0.52 -18.45 13.58
C HIS B 310 -1.55 -17.69 14.40
N ALA B 311 -2.32 -18.42 15.22
CA ALA B 311 -3.24 -17.84 16.21
C ALA B 311 -2.52 -16.91 17.19
N ARG B 312 -1.30 -17.30 17.57
CA ARG B 312 -0.42 -16.50 18.41
C ARG B 312 -0.03 -15.16 17.77
N ARG B 313 0.38 -15.21 16.49
CA ARG B 313 0.71 -14.00 15.74
C ARG B 313 -0.51 -13.10 15.64
N VAL B 314 -1.69 -13.70 15.43
CA VAL B 314 -2.97 -12.96 15.38
C VAL B 314 -3.22 -12.21 16.69
N TYR B 315 -3.07 -12.92 17.81
CA TYR B 315 -3.12 -12.29 19.11
C TYR B 315 -2.17 -11.07 19.22
N GLU B 316 -0.91 -11.23 18.82
CA GLU B 316 0.06 -10.11 18.94
C GLU B 316 -0.31 -8.89 18.11
N ILE B 317 -0.75 -9.11 16.88
CA ILE B 317 -1.13 -8.02 15.95
C ILE B 317 -2.39 -7.33 16.48
N LEU B 318 -3.35 -8.12 16.95
CA LEU B 318 -4.57 -7.55 17.56
C LEU B 318 -4.31 -6.83 18.87
N ARG B 319 -3.39 -7.35 19.70
CA ARG B 319 -2.98 -6.64 20.93
C ARG B 319 -2.36 -5.26 20.63
N LEU B 320 -1.52 -5.19 19.59
CA LEU B 320 -0.88 -3.94 19.16
C LEU B 320 -1.94 -2.92 18.75
N LEU B 321 -3.02 -3.47 18.23
CA LEU B 321 -4.09 -2.68 17.68
C LEU B 321 -4.99 -2.08 18.76
N VAL B 322 -5.00 -2.66 19.97
CA VAL B 322 -5.98 -2.28 21.02
C VAL B 322 -5.36 -1.62 22.24
N LYS C 1 -11.95 24.22 22.19
CA LYS C 1 -10.64 24.90 22.51
C LYS C 1 -9.91 24.44 23.79
N GLY C 2 -8.61 24.25 23.64
CA GLY C 2 -7.82 23.51 24.62
C GLY C 2 -7.06 24.36 25.61
N GLY C 3 -6.58 23.70 26.68
CA GLY C 3 -5.76 24.36 27.65
C GLY C 3 -4.34 24.53 27.14
N LYS C 4 -3.46 24.99 28.02
CA LYS C 4 -2.08 25.24 27.68
C LYS C 4 -1.45 24.03 26.98
N GLY C 5 -0.92 24.28 25.79
CA GLY C 5 -0.14 23.28 25.05
C GLY C 5 -0.93 22.20 24.35
N LEU C 6 -2.25 22.41 24.23
CA LEU C 6 -3.14 21.39 23.65
C LEU C 6 -3.72 21.83 22.33
N GLY C 7 -3.67 20.96 21.32
CA GLY C 7 -4.29 21.25 20.04
C GLY C 7 -5.45 20.35 19.67
N LYS C 8 -5.85 19.47 20.60
CA LYS C 8 -7.00 18.60 20.35
C LYS C 8 -8.06 18.74 21.45
N GLY C 9 -8.36 19.99 21.81
CA GLY C 9 -9.26 20.28 22.92
C GLY C 9 -10.73 20.49 22.55
N GLY C 10 -11.10 20.13 21.31
CA GLY C 10 -12.47 20.29 20.86
C GLY C 10 -13.39 19.11 21.15
N ALA C 11 -14.60 19.17 20.60
CA ALA C 11 -15.64 18.18 20.93
C ALA C 11 -15.52 16.92 20.07
N LYS C 12 -15.71 15.76 20.70
CA LYS C 12 -15.88 14.51 19.97
C LYS C 12 -17.23 14.54 19.23
N ARG C 13 -17.34 13.83 18.10
CA ARG C 13 -18.62 13.70 17.38
C ARG C 13 -19.38 12.50 17.92
N HIS C 14 -20.69 12.69 18.13
CA HIS C 14 -21.56 11.70 18.73
C HIS C 14 -22.74 11.53 17.81
N ARG C 15 -22.57 10.75 16.75
CA ARG C 15 -23.66 10.42 15.82
C ARG C 15 -24.82 9.70 16.48
N GLY D 2 9.43 -34.76 -7.68
CA GLY D 2 9.76 -33.99 -6.43
C GLY D 2 9.52 -34.78 -5.15
N GLY D 3 10.22 -34.38 -4.07
CA GLY D 3 10.15 -35.07 -2.75
C GLY D 3 8.77 -34.97 -2.11
N LYS D 4 8.43 -35.90 -1.18
CA LYS D 4 7.05 -35.99 -0.60
C LYS D 4 6.54 -34.69 0.03
N GLY D 5 5.63 -34.03 -0.67
CA GLY D 5 5.06 -32.77 -0.19
C GLY D 5 5.94 -31.54 -0.37
N LEU D 6 7.02 -31.68 -1.13
CA LEU D 6 7.91 -30.53 -1.30
C LEU D 6 7.63 -29.75 -2.58
N GLY D 7 7.47 -28.45 -2.43
CA GLY D 7 7.34 -27.58 -3.59
C GLY D 7 8.27 -26.38 -3.51
N LYS D 8 9.08 -26.31 -2.43
CA LYS D 8 10.01 -25.19 -2.16
C LYS D 8 11.40 -25.73 -1.85
N GLY D 9 11.79 -26.77 -2.57
CA GLY D 9 13.03 -27.46 -2.31
C GLY D 9 14.23 -26.98 -3.11
N GLY D 10 14.06 -25.90 -3.87
CA GLY D 10 15.11 -25.35 -4.73
C GLY D 10 16.22 -24.64 -3.96
N ALA D 11 17.23 -24.16 -4.70
CA ALA D 11 18.37 -23.48 -4.07
C ALA D 11 18.01 -22.04 -3.74
N LYS D 12 18.48 -21.54 -2.59
CA LYS D 12 18.42 -20.11 -2.30
C LYS D 12 19.40 -19.36 -3.23
N ARG D 13 19.16 -18.06 -3.44
CA ARG D 13 20.06 -17.22 -4.27
C ARG D 13 21.09 -16.59 -3.33
N HIS D 14 22.36 -16.60 -3.76
CA HIS D 14 23.45 -16.11 -2.89
C HIS D 14 24.27 -15.10 -3.67
N ARG D 15 23.79 -13.86 -3.75
CA ARG D 15 24.48 -12.76 -4.48
C ARG D 15 25.79 -12.33 -3.82
C ACT E . -2.39 17.46 -7.19
O ACT E . -2.66 17.76 -6.00
OXT ACT E . -1.73 18.29 -7.85
CH3 ACT E . -2.87 16.15 -7.75
CL CL F . 1.79 8.93 22.84
N1A ACO G . -4.23 3.39 8.28
C2A ACO G . -3.29 2.43 8.39
N3A ACO G . -1.99 2.67 8.19
C4A ACO G . -1.53 3.90 7.85
C5A ACO G . -2.44 4.94 7.71
C6A ACO G . -3.88 4.64 7.94
N6A ACO G . -4.83 5.60 7.81
N7A ACO G . -1.74 6.05 7.38
C8A ACO G . -0.43 5.69 7.31
N9A ACO G . -0.30 4.39 7.60
C1B ACO G . 0.96 3.60 7.64
C2B ACO G . 1.00 2.68 6.45
O2B ACO G . 1.86 1.59 6.83
C3B ACO G . 1.62 3.55 5.37
O3B ACO G . 2.16 2.81 4.29
P3B ACO G . 1.16 2.40 3.04
O7A ACO G . 2.15 1.67 2.15
O8A ACO G . 0.67 3.70 2.42
O9A ACO G . 0.06 1.55 3.66
C4B ACO G . 2.68 4.31 6.15
O4B ACO G . 2.10 4.44 7.45
C5B ACO G . 3.01 5.67 5.54
O5B ACO G . 1.83 6.41 5.18
P1A ACO G . 1.89 7.86 4.48
O1A ACO G . 1.44 7.77 3.04
O2A ACO G . 3.19 8.52 4.77
O3A ACO G . 0.67 8.60 5.31
P2A ACO G . -0.05 10.01 5.01
O4A ACO G . 0.89 10.86 4.19
O5A ACO G . -1.40 9.71 4.48
O6A ACO G . -0.15 10.58 6.51
CBP ACO G . -1.92 10.92 8.17
CCP ACO G . -0.99 9.91 7.49
CDP ACO G . -2.72 10.19 9.23
CEP ACO G . -1.02 11.98 8.83
CAP ACO G . -2.83 11.54 7.10
OAP ACO G . -3.57 10.56 6.35
C9P ACO G . -3.85 12.54 7.59
O9P ACO G . -3.52 13.82 7.59
N8P ACO G . -5.00 12.16 7.96
C7P ACO G . -6.11 13.03 8.42
C6P ACO G . -5.70 13.74 9.70
C5P ACO G . -5.26 12.79 10.80
O5P ACO G . -5.87 11.77 11.08
N4P ACO G . -4.17 13.14 11.45
C3P ACO G . -3.51 12.48 12.56
C2P ACO G . -4.28 13.02 13.79
S1P ACO G . -3.30 14.21 14.65
C ACO G . -2.32 13.31 15.61
O ACO G . -1.16 13.81 16.02
CH3 ACO G . -2.75 12.07 16.01
C1 ACM H . -45.72 32.74 10.22
O ACM H . -46.08 32.01 11.15
N ACM H . -45.71 34.06 10.41
C2 ACM H . -45.29 32.21 8.88
C1 ACM I . 11.68 33.01 7.78
O ACM I . 12.37 33.99 7.65
N ACM I . 11.08 32.49 6.70
C2 ACM I . 11.54 32.43 9.16
N1A ACO J . 4.32 -7.09 1.87
C2A ACO J . 3.46 -6.60 2.80
N3A ACO J . 2.17 -6.97 2.85
C4A ACO J . 1.65 -7.86 1.95
C5A ACO J . 2.46 -8.41 0.96
C6A ACO J . 3.89 -7.98 0.93
N6A ACO J . 4.79 -8.44 0.02
N7A ACO J . 1.70 -9.26 0.24
C8A ACO J . 0.44 -9.20 0.78
N9A ACO J . 0.42 -8.36 1.82
C1B ACO J . -0.74 -8.02 2.69
C2B ACO J . -1.12 -6.54 2.59
O2B ACO J . -1.78 -6.07 3.78
C3B ACO J . -2.09 -6.53 1.43
O3B ACO J . -2.92 -5.37 1.39
P3B ACO J . -2.33 -3.99 0.75
O7A ACO J . -1.92 -4.34 -0.66
O8A ACO J . -1.18 -3.63 1.67
O9A ACO J . -3.50 -3.02 0.85
C4B ACO J . -2.87 -7.81 1.70
O4B ACO J . -1.88 -8.71 2.20
C5B ACO J . -3.53 -8.39 0.47
O5B ACO J . -2.69 -8.33 -0.67
P1A ACO J . -3.25 -9.00 -2.02
O1A ACO J . -3.40 -7.91 -3.03
O2A ACO J . -4.39 -9.88 -1.72
O3A ACO J . -1.93 -9.87 -2.41
P2A ACO J . -1.47 -10.39 -3.86
O4A ACO J . -2.67 -10.65 -4.70
O5A ACO J . -0.35 -9.47 -4.39
O6A ACO J . -0.78 -11.78 -3.43
CBP ACO J . 1.41 -12.78 -3.10
CCP ACO J . 0.36 -11.82 -2.57
CDP ACO J . 2.51 -12.88 -2.06
CEP ACO J . 0.76 -14.14 -3.27
CAP ACO J . 1.91 -12.26 -4.46
OAP ACO J . 2.46 -10.94 -4.39
C9P ACO J . 2.93 -13.11 -5.16
O9P ACO J . 2.44 -13.97 -6.04
N8P ACO J . 4.18 -12.95 -4.96
C7P ACO J . 5.25 -13.72 -5.63
C6P ACO J . 5.20 -15.20 -5.27
C5P ACO J . 5.32 -15.37 -3.77
O5P ACO J . 6.12 -14.71 -3.13
N4P ACO J . 4.50 -16.26 -3.20
C3P ACO J . 4.42 -16.60 -1.79
C2P ACO J . 5.59 -17.56 -1.57
S1P ACO J . 4.97 -19.20 -1.60
C ACO J . 4.90 -19.72 -0.02
O ACO J . 4.28 -20.85 0.33
CH3 ACO J . 5.51 -18.94 0.88
C1 ACM K . 40.21 -14.97 -29.67
O ACM K . 39.50 -13.95 -29.81
N ACM K . 41.03 -15.16 -28.61
C2 ACM K . 40.11 -16.10 -30.67
C1 ACM L . 22.76 -8.08 -23.20
O ACM L . 22.17 -8.43 -24.20
N ACM L . 22.21 -7.25 -22.30
C2 ACM L . 24.14 -8.56 -22.95
#